data_5UKF
#
_entry.id   5UKF
#
_cell.length_a   92.138
_cell.length_b   96.051
_cell.length_c   192.741
_cell.angle_alpha   90.00
_cell.angle_beta   90.00
_cell.angle_gamma   90.00
#
_symmetry.space_group_name_H-M   'P 21 21 21'
#
loop_
_entity.id
_entity.type
_entity.pdbx_description
1 polymer 'Serine/threonine-protein kinase VRK1'
2 non-polymer 4-{[(Z)-(7-oxo-6,7-dihydro-8H-[1,3]thiazolo[5,4-e]indol-8-ylidene)methyl]amino}benzene-1-sulfonamide
3 non-polymer 'PHOSPHATE ION'
4 non-polymer 'CHLORIDE ION'
5 non-polymer DI(HYDROXYETHYL)ETHER
6 water water
#
_entity_poly.entity_id   1
_entity_poly.type   'polypeptide(L)'
_entity_poly.pdbx_seq_one_letter_code
;MRVKAAQAGRQSSAKRHLAEQFAVGEIITDMAAAAWKVGLPIGQGGFGCIYLADMNSSESVGSDAPCVVKVEPSDNGPLF
TELKFYQRAAKPEQIQKWIRTRKLKYLGVPKYWGSGLHDKNGKSYRFMIMDRFGSDLQKIYEANAKRFSRKTVLQLSLRI
LDILEYIHEHEYVHGDIKASNLLLNYKNPDQVYLVDYGLAYRYCPEGVHKAYAADPKRCHDGTIEFTSIDAHNGVAPSRR
GDLEILGYCMIQWLTGHLPWEDNLKDPKYVRDSKIRYRENIASLMDKCFPAANAPGEIAKYMETVKLLDYTEKPLYENLR
DILLQGLKAIGSKDDGKLDLSVVENGGLKAKTITKKRAAEIEE
;
_entity_poly.pdbx_strand_id   A,B,C,D
#
loop_
_chem_comp.id
_chem_comp.type
_chem_comp.name
_chem_comp.formula
8E1 non-polymer 4-{[(Z)-(7-oxo-6,7-dihydro-8H-[1,3]thiazolo[5,4-e]indol-8-ylidene)methyl]amino}benzene-1-sulfonamide 'C16 H12 N4 O3 S2'
CL non-polymer 'CHLORIDE ION' 'Cl -1'
PEG non-polymer DI(HYDROXYETHYL)ETHER 'C4 H10 O3'
PO4 non-polymer 'PHOSPHATE ION' 'O4 P -3'
#
# COMPACT_ATOMS: atom_id res chain seq x y z
N ALA A 19 42.58 -43.18 7.85
CA ALA A 19 41.84 -41.95 8.07
C ALA A 19 40.85 -41.73 6.95
N GLU A 20 39.60 -41.45 7.29
CA GLU A 20 38.60 -41.23 6.25
C GLU A 20 38.82 -40.01 5.37
N GLN A 21 39.10 -38.85 5.97
CA GLN A 21 39.24 -37.64 5.17
C GLN A 21 40.47 -36.74 5.38
N PHE A 22 40.72 -36.37 6.62
CA PHE A 22 41.82 -35.49 6.96
C PHE A 22 42.80 -36.14 7.92
N ALA A 23 44.08 -36.00 7.68
CA ALA A 23 45.07 -36.52 8.62
C ALA A 23 45.10 -35.53 9.80
N VAL A 24 45.19 -36.01 11.06
CA VAL A 24 45.29 -35.11 12.21
C VAL A 24 46.63 -34.34 12.03
N GLY A 25 46.55 -33.02 12.00
CA GLY A 25 47.71 -32.16 11.79
C GLY A 25 47.85 -31.59 10.39
N GLU A 26 47.10 -32.10 9.41
CA GLU A 26 47.12 -31.62 8.01
C GLU A 26 46.69 -30.15 7.94
N ILE A 27 47.32 -29.40 7.05
CA ILE A 27 47.07 -27.99 6.78
C ILE A 27 46.27 -27.90 5.49
N ILE A 28 45.11 -27.24 5.60
CA ILE A 28 44.19 -26.99 4.50
C ILE A 28 44.05 -25.46 4.29
N THR A 29 43.94 -25.05 3.06
CA THR A 29 43.81 -23.66 2.74
C THR A 29 42.46 -23.47 2.09
N ASP A 30 41.70 -22.49 2.56
CA ASP A 30 40.40 -22.25 2.00
C ASP A 30 40.46 -21.36 0.77
N MET A 31 39.30 -21.05 0.22
CA MET A 31 39.19 -20.25 -1.00
C MET A 31 39.69 -18.80 -0.89
N ALA A 32 39.79 -18.24 0.30
CA ALA A 32 40.33 -16.90 0.48
C ALA A 32 41.79 -16.94 0.95
N ALA A 33 42.43 -18.09 0.74
CA ALA A 33 43.82 -18.39 1.11
C ALA A 33 44.16 -18.38 2.59
N ALA A 34 43.17 -18.63 3.43
CA ALA A 34 43.38 -18.71 4.86
C ALA A 34 43.74 -20.14 5.18
N ALA A 35 44.74 -20.32 6.04
CA ALA A 35 45.23 -21.63 6.40
C ALA A 35 44.73 -22.16 7.73
N TRP A 36 44.31 -23.42 7.73
CA TRP A 36 43.81 -24.08 8.92
C TRP A 36 44.48 -25.42 9.11
N LYS A 37 44.51 -25.88 10.36
CA LYS A 37 45.10 -27.17 10.70
C LYS A 37 43.97 -28.10 11.22
N VAL A 38 43.96 -29.35 10.75
CA VAL A 38 42.94 -30.32 11.14
C VAL A 38 43.32 -31.07 12.44
N GLY A 39 42.31 -31.30 13.27
CA GLY A 39 42.43 -32.03 14.53
C GLY A 39 41.71 -33.35 14.49
N LEU A 40 41.34 -33.88 15.66
CA LEU A 40 40.64 -35.17 15.80
C LEU A 40 39.18 -35.04 15.38
N PRO A 41 38.52 -36.15 14.96
CA PRO A 41 37.07 -36.07 14.69
C PRO A 41 36.30 -35.72 15.98
N ILE A 42 35.23 -34.92 15.85
CA ILE A 42 34.39 -34.52 16.98
C ILE A 42 33.18 -35.44 16.98
N GLY A 43 33.17 -36.35 17.95
CA GLY A 43 32.11 -37.34 18.14
C GLY A 43 31.87 -38.27 16.96
N GLN A 44 30.68 -38.88 16.93
CA GLN A 44 30.26 -39.74 15.82
C GLN A 44 28.80 -39.47 15.36
N GLY A 45 28.23 -38.38 15.85
CA GLY A 45 26.84 -37.97 15.62
C GLY A 45 26.48 -37.90 14.15
N GLY A 46 25.18 -37.98 13.87
CA GLY A 46 24.65 -37.96 12.51
C GLY A 46 24.60 -36.60 11.84
N PHE A 47 25.69 -35.86 12.01
CA PHE A 47 25.85 -34.53 11.45
C PHE A 47 26.85 -34.53 10.32
N GLY A 48 27.40 -35.70 10.02
CA GLY A 48 28.36 -35.85 8.95
C GLY A 48 29.78 -35.96 9.45
N CYS A 49 30.73 -35.59 8.60
CA CYS A 49 32.15 -35.64 8.94
C CYS A 49 32.63 -34.32 9.51
N ILE A 50 32.91 -34.31 10.80
CA ILE A 50 33.37 -33.10 11.51
C ILE A 50 34.66 -33.36 12.31
N TYR A 51 35.66 -32.49 12.15
CA TYR A 51 36.94 -32.54 12.84
C TYR A 51 37.13 -31.26 13.60
N LEU A 52 37.94 -31.26 14.66
CA LEU A 52 38.29 -30.00 15.35
C LEU A 52 39.30 -29.30 14.44
N ALA A 53 39.37 -27.97 14.48
CA ALA A 53 40.30 -27.23 13.65
C ALA A 53 40.72 -25.96 14.36
N ASP A 54 41.86 -25.43 13.95
CA ASP A 54 42.42 -24.18 14.45
C ASP A 54 43.17 -23.54 13.29
N MET A 55 43.65 -22.31 13.51
CA MET A 55 44.47 -21.58 12.54
C MET A 55 45.79 -22.33 12.43
N ASN A 56 46.47 -22.22 11.28
CA ASN A 56 47.74 -22.87 11.05
C ASN A 56 48.85 -22.29 11.97
N SER A 57 49.62 -23.18 12.61
CA SER A 57 50.71 -22.87 13.52
C SER A 57 51.60 -24.10 13.72
N SER A 58 52.70 -23.95 14.45
CA SER A 58 53.62 -25.06 14.73
C SER A 58 52.97 -26.08 15.67
N GLU A 59 52.16 -25.60 16.65
CA GLU A 59 51.48 -26.40 17.65
C GLU A 59 50.39 -27.30 17.03
N SER A 60 50.09 -28.40 17.70
CA SER A 60 49.04 -29.31 17.22
C SER A 60 47.65 -28.86 17.66
N VAL A 61 46.62 -29.27 16.92
CA VAL A 61 45.24 -28.93 17.29
C VAL A 61 44.82 -29.86 18.42
N GLY A 62 44.62 -29.27 19.60
CA GLY A 62 44.22 -30.01 20.79
C GLY A 62 42.72 -29.99 21.03
N SER A 63 42.32 -30.06 22.31
CA SER A 63 40.92 -30.00 22.72
C SER A 63 40.49 -28.52 22.92
N ASP A 64 41.48 -27.59 22.91
CA ASP A 64 41.27 -26.13 23.06
C ASP A 64 40.86 -25.44 21.73
N ALA A 65 40.69 -26.23 20.64
CA ALA A 65 40.33 -25.80 19.29
C ALA A 65 39.08 -24.89 19.23
N PRO A 66 39.17 -23.66 18.72
CA PRO A 66 37.96 -22.81 18.63
C PRO A 66 37.05 -23.12 17.43
N CYS A 67 37.50 -23.96 16.52
CA CYS A 67 36.74 -24.24 15.31
C CYS A 67 36.56 -25.69 14.96
N VAL A 68 35.86 -25.90 13.86
CA VAL A 68 35.62 -27.21 13.33
C VAL A 68 35.62 -27.15 11.83
N VAL A 69 35.97 -28.27 11.22
CA VAL A 69 35.96 -28.42 9.78
C VAL A 69 34.91 -29.50 9.45
N LYS A 70 33.87 -29.11 8.73
CA LYS A 70 32.79 -29.99 8.31
C LYS A 70 33.10 -30.31 6.86
N VAL A 71 33.15 -31.59 6.51
CA VAL A 71 33.52 -32.01 5.15
C VAL A 71 32.61 -33.07 4.55
N GLU A 72 32.23 -32.86 3.29
CA GLU A 72 31.37 -33.77 2.54
C GLU A 72 31.73 -33.72 1.06
N PRO A 73 31.39 -34.75 0.30
CA PRO A 73 31.72 -34.80 -1.13
C PRO A 73 31.10 -33.64 -1.92
N SER A 74 31.75 -33.20 -3.00
CA SER A 74 31.25 -32.07 -3.77
C SER A 74 29.80 -32.18 -4.28
N ASP A 75 29.38 -33.39 -4.61
CA ASP A 75 28.04 -33.63 -5.12
C ASP A 75 26.94 -33.60 -4.06
N ASN A 76 27.32 -33.57 -2.79
CA ASN A 76 26.36 -33.54 -1.70
C ASN A 76 25.51 -32.28 -1.72
N GLY A 77 24.22 -32.45 -2.01
CA GLY A 77 23.32 -31.32 -2.08
C GLY A 77 23.09 -30.54 -0.80
N PRO A 78 22.94 -31.23 0.32
CA PRO A 78 22.69 -30.56 1.61
C PRO A 78 23.84 -29.67 2.06
N LEU A 79 25.08 -30.10 1.89
CA LEU A 79 26.21 -29.28 2.29
C LEU A 79 26.24 -27.99 1.49
N PHE A 80 25.96 -28.09 0.19
CA PHE A 80 25.96 -26.90 -0.65
C PHE A 80 24.89 -25.92 -0.21
N THR A 81 23.71 -26.44 0.10
CA THR A 81 22.62 -25.60 0.57
C THR A 81 23.00 -24.96 1.89
N GLU A 82 23.60 -25.76 2.76
CA GLU A 82 24.06 -25.31 4.05
C GLU A 82 25.17 -24.28 3.90
N LEU A 83 26.05 -24.51 2.94
CA LEU A 83 27.16 -23.60 2.69
C LEU A 83 26.66 -22.26 2.17
N LYS A 84 25.66 -22.31 1.29
CA LYS A 84 25.11 -21.08 0.74
C LYS A 84 24.47 -20.23 1.82
N PHE A 85 23.78 -20.86 2.76
CA PHE A 85 23.15 -20.13 3.84
C PHE A 85 24.19 -19.45 4.71
N TYR A 86 25.27 -20.16 4.99
CA TYR A 86 26.34 -19.64 5.82
C TYR A 86 27.07 -18.48 5.16
N GLN A 87 27.31 -18.60 3.86
CA GLN A 87 27.96 -17.54 3.10
C GLN A 87 27.09 -16.28 3.01
N ARG A 88 25.79 -16.49 2.88
CA ARG A 88 24.82 -15.42 2.74
C ARG A 88 24.38 -14.73 4.02
N ALA A 89 24.26 -15.49 5.11
CA ALA A 89 23.74 -14.97 6.36
C ALA A 89 24.62 -15.15 7.60
N ALA A 90 25.76 -15.84 7.51
CA ALA A 90 26.58 -16.08 8.70
C ALA A 90 28.00 -15.53 8.70
N LYS A 91 28.25 -14.50 7.92
CA LYS A 91 29.56 -13.86 7.87
C LYS A 91 29.79 -13.20 9.23
N PRO A 92 30.97 -13.35 9.85
CA PRO A 92 31.15 -12.82 11.22
C PRO A 92 30.75 -11.34 11.40
N GLU A 93 31.08 -10.49 10.44
CA GLU A 93 30.78 -9.06 10.53
C GLU A 93 29.29 -8.72 10.40
N GLN A 94 28.59 -9.55 9.63
CA GLN A 94 27.17 -9.46 9.37
C GLN A 94 26.39 -9.75 10.66
N ILE A 95 26.89 -10.74 11.45
CA ILE A 95 26.29 -11.15 12.72
C ILE A 95 26.54 -10.07 13.77
N GLN A 96 27.81 -9.57 13.89
CA GLN A 96 28.18 -8.52 14.84
C GLN A 96 27.42 -7.20 14.63
N LYS A 97 27.21 -6.81 13.37
CA LYS A 97 26.44 -5.61 13.06
C LYS A 97 25.01 -5.77 13.58
N TRP A 98 24.41 -6.94 13.36
CA TRP A 98 23.08 -7.25 13.89
C TRP A 98 23.03 -7.25 15.42
N ILE A 99 24.01 -7.89 16.05
CA ILE A 99 24.14 -7.91 17.52
C ILE A 99 24.19 -6.47 18.07
N ARG A 100 25.00 -5.55 17.48
CA ARG A 100 25.11 -4.15 17.95
C ARG A 100 23.82 -3.33 17.75
N THR A 101 23.26 -3.39 16.54
CA THR A 101 22.04 -2.68 16.19
C THR A 101 20.81 -3.12 16.98
N ARG A 102 20.66 -4.41 17.22
CA ARG A 102 19.53 -4.93 17.97
C ARG A 102 19.81 -4.99 19.48
N LYS A 103 21.04 -4.64 19.84
CA LYS A 103 21.46 -4.58 21.24
C LYS A 103 21.24 -5.93 21.99
N LEU A 104 21.75 -7.01 21.38
CA LEU A 104 21.70 -8.37 21.90
C LEU A 104 23.03 -8.66 22.58
N LYS A 105 23.05 -9.60 23.53
CA LYS A 105 24.30 -10.03 24.18
C LYS A 105 25.11 -10.91 23.18
N TYR A 106 24.43 -11.74 22.38
CA TYR A 106 25.02 -12.63 21.36
C TYR A 106 23.90 -13.03 20.37
N LEU A 107 24.24 -13.80 19.33
CA LEU A 107 23.32 -14.36 18.36
C LEU A 107 23.68 -15.82 18.10
N GLY A 108 22.71 -16.71 18.26
CA GLY A 108 22.93 -18.15 18.12
C GLY A 108 22.92 -18.71 16.72
N VAL A 109 23.54 -17.99 15.79
CA VAL A 109 23.75 -18.43 14.41
C VAL A 109 25.27 -18.73 14.39
N PRO A 110 25.67 -19.94 14.07
CA PRO A 110 27.09 -20.26 14.07
C PRO A 110 27.83 -19.43 13.05
N LYS A 111 29.03 -18.99 13.37
CA LYS A 111 29.81 -18.20 12.44
C LYS A 111 30.54 -19.04 11.40
N TYR A 112 30.55 -18.52 10.18
CA TYR A 112 31.21 -19.09 9.02
C TYR A 112 32.60 -18.47 8.89
N TRP A 113 33.66 -19.30 8.84
CA TRP A 113 35.06 -18.83 8.79
C TRP A 113 35.78 -19.08 7.49
N GLY A 114 35.13 -19.76 6.57
CA GLY A 114 35.72 -20.04 5.27
C GLY A 114 35.38 -21.42 4.77
N SER A 115 35.70 -21.64 3.52
CA SER A 115 35.43 -22.90 2.85
C SER A 115 36.37 -23.08 1.68
N GLY A 116 36.54 -24.32 1.28
CA GLY A 116 37.45 -24.68 0.22
C GLY A 116 37.24 -26.07 -0.34
N LEU A 117 38.08 -26.44 -1.29
CA LEU A 117 38.03 -27.78 -1.89
C LEU A 117 39.26 -28.55 -1.43
N HIS A 118 39.08 -29.86 -1.21
CA HIS A 118 40.12 -30.76 -0.77
C HIS A 118 40.03 -32.02 -1.59
N ASP A 119 41.19 -32.44 -2.11
CA ASP A 119 41.34 -33.68 -2.86
C ASP A 119 41.79 -34.79 -1.94
N LYS A 120 41.15 -35.93 -2.06
CA LYS A 120 41.51 -37.15 -1.34
C LYS A 120 41.19 -38.31 -2.28
N ASN A 121 42.25 -39.02 -2.72
CA ASN A 121 42.23 -40.18 -3.61
C ASN A 121 41.47 -39.92 -4.94
N GLY A 122 41.87 -38.86 -5.65
CA GLY A 122 41.26 -38.48 -6.92
C GLY A 122 39.84 -37.93 -6.89
N LYS A 123 39.18 -37.92 -5.71
CA LYS A 123 37.81 -37.40 -5.54
C LYS A 123 37.82 -36.03 -4.82
N SER A 124 36.93 -35.12 -5.22
CA SER A 124 36.87 -33.78 -4.64
C SER A 124 35.83 -33.60 -3.54
N TYR A 125 36.23 -32.90 -2.49
CA TYR A 125 35.37 -32.66 -1.37
C TYR A 125 35.36 -31.19 -1.00
N ARG A 126 34.23 -30.70 -0.54
CA ARG A 126 34.13 -29.31 -0.13
C ARG A 126 34.13 -29.29 1.39
N PHE A 127 34.87 -28.37 1.97
CA PHE A 127 34.94 -28.25 3.42
C PHE A 127 34.55 -26.84 3.84
N MET A 128 34.11 -26.69 5.10
CA MET A 128 33.65 -25.47 5.70
C MET A 128 34.19 -25.34 7.13
N ILE A 129 34.71 -24.17 7.47
CA ILE A 129 35.23 -23.94 8.81
C ILE A 129 34.20 -23.17 9.62
N MET A 130 33.79 -23.74 10.74
CA MET A 130 32.78 -23.12 11.58
C MET A 130 33.16 -23.00 13.04
N ASP A 131 32.31 -22.30 13.78
CA ASP A 131 32.43 -22.10 15.20
C ASP A 131 32.24 -23.45 15.85
N ARG A 132 33.00 -23.73 16.89
CA ARG A 132 32.92 -25.00 17.61
C ARG A 132 31.95 -24.91 18.80
N PHE A 133 31.22 -26.00 19.03
CA PHE A 133 30.27 -26.06 20.13
C PHE A 133 30.50 -27.30 20.97
N GLY A 134 29.92 -27.29 22.16
CA GLY A 134 30.02 -28.41 23.06
C GLY A 134 28.81 -29.30 22.92
N SER A 135 28.21 -29.65 24.05
CA SER A 135 27.05 -30.52 24.06
C SER A 135 25.77 -29.96 23.46
N ASP A 136 24.96 -30.86 22.91
CA ASP A 136 23.67 -30.47 22.38
C ASP A 136 22.65 -30.41 23.52
N LEU A 137 21.55 -29.76 23.27
CA LEU A 137 20.50 -29.64 24.27
C LEU A 137 19.87 -30.98 24.65
N GLN A 138 19.76 -31.87 23.69
CA GLN A 138 19.13 -33.17 23.93
C GLN A 138 19.82 -33.99 25.01
N LYS A 139 21.15 -33.96 25.05
CA LYS A 139 21.88 -34.72 26.05
C LYS A 139 21.63 -34.17 27.44
N ILE A 140 21.61 -32.85 27.54
CA ILE A 140 21.36 -32.13 28.79
C ILE A 140 19.92 -32.42 29.27
N TYR A 141 18.95 -32.36 28.34
CA TYR A 141 17.53 -32.66 28.53
C TYR A 141 17.34 -34.07 29.07
N GLU A 142 18.01 -35.06 28.47
CA GLU A 142 17.98 -36.47 28.87
C GLU A 142 18.65 -36.71 30.23
N ALA A 143 19.67 -35.90 30.58
CA ALA A 143 20.37 -36.03 31.86
C ALA A 143 19.52 -35.42 33.00
N ASN A 144 18.61 -34.47 32.67
CA ASN A 144 17.71 -33.81 33.60
C ASN A 144 16.34 -34.52 33.66
N ALA A 145 16.30 -35.82 33.26
CA ALA A 145 15.12 -36.69 33.26
C ALA A 145 13.97 -36.18 32.37
N LYS A 146 14.35 -35.77 31.13
CA LYS A 146 13.49 -35.28 30.05
C LYS A 146 12.57 -34.11 30.50
N ARG A 147 13.15 -33.14 31.22
CA ARG A 147 12.43 -31.93 31.68
C ARG A 147 13.39 -30.74 31.73
N PHE A 148 12.81 -29.58 31.51
CA PHE A 148 13.46 -28.27 31.58
C PHE A 148 12.51 -27.39 32.38
N SER A 149 13.06 -26.54 33.23
CA SER A 149 12.26 -25.65 34.05
C SER A 149 11.63 -24.55 33.18
N ARG A 150 10.62 -23.85 33.72
CA ARG A 150 9.94 -22.74 33.06
C ARG A 150 10.95 -21.62 32.72
N LYS A 151 11.92 -21.37 33.63
CA LYS A 151 13.01 -20.41 33.46
C LYS A 151 13.90 -20.83 32.27
N THR A 152 14.42 -22.08 32.29
CA THR A 152 15.24 -22.61 31.19
C THR A 152 14.50 -22.48 29.86
N VAL A 153 13.24 -22.97 29.78
CA VAL A 153 12.42 -22.97 28.57
C VAL A 153 12.19 -21.56 28.06
N LEU A 154 11.84 -20.61 28.93
CA LEU A 154 11.58 -19.24 28.50
C LEU A 154 12.84 -18.52 28.04
N GLN A 155 13.99 -18.82 28.67
CA GLN A 155 15.28 -18.23 28.30
C GLN A 155 15.77 -18.79 26.96
N LEU A 156 15.57 -20.11 26.73
CA LEU A 156 15.94 -20.75 25.46
C LEU A 156 15.12 -20.16 24.33
N SER A 157 13.80 -20.08 24.54
CA SER A 157 12.82 -19.60 23.60
C SER A 157 13.03 -18.14 23.20
N LEU A 158 13.45 -17.28 24.13
CA LEU A 158 13.75 -15.88 23.81
C LEU A 158 14.94 -15.79 22.84
N ARG A 159 15.98 -16.59 23.06
CA ARG A 159 17.17 -16.65 22.20
C ARG A 159 16.90 -17.29 20.81
N ILE A 160 16.02 -18.32 20.73
CA ILE A 160 15.59 -18.95 19.47
C ILE A 160 14.75 -17.94 18.68
N LEU A 161 13.92 -17.13 19.36
CA LEU A 161 13.17 -16.07 18.68
C LEU A 161 14.13 -15.01 18.08
N ASP A 162 15.28 -14.76 18.74
CA ASP A 162 16.30 -13.85 18.24
C ASP A 162 16.91 -14.43 16.95
N ILE A 163 17.25 -15.75 16.97
CA ILE A 163 17.83 -16.50 15.87
C ILE A 163 16.87 -16.53 14.67
N LEU A 164 15.59 -16.91 14.91
CA LEU A 164 14.59 -17.00 13.87
C LEU A 164 14.32 -15.66 13.20
N GLU A 165 14.20 -14.57 13.98
CA GLU A 165 14.02 -13.26 13.38
C GLU A 165 15.18 -12.97 12.42
N TYR A 166 16.43 -13.25 12.86
CA TYR A 166 17.61 -13.03 12.05
C TYR A 166 17.56 -13.82 10.73
N ILE A 167 17.37 -15.14 10.79
CA ILE A 167 17.37 -15.96 9.57
C ILE A 167 16.15 -15.64 8.69
N HIS A 168 14.99 -15.31 9.28
CA HIS A 168 13.81 -14.91 8.52
C HIS A 168 14.06 -13.60 7.77
N GLU A 169 14.74 -12.62 8.41
CA GLU A 169 15.09 -11.34 7.81
C GLU A 169 16.17 -11.49 6.71
N HIS A 170 16.81 -12.66 6.69
CA HIS A 170 17.82 -12.99 5.70
C HIS A 170 17.35 -14.00 4.64
N GLU A 171 16.02 -14.07 4.51
CA GLU A 171 15.27 -14.82 3.50
C GLU A 171 15.23 -16.33 3.72
N TYR A 172 15.51 -16.82 4.94
CA TYR A 172 15.53 -18.26 5.23
C TYR A 172 14.65 -18.68 6.36
N VAL A 173 14.17 -19.93 6.29
CA VAL A 173 13.46 -20.62 7.34
C VAL A 173 14.25 -21.90 7.68
N HIS A 174 14.30 -22.29 8.95
CA HIS A 174 15.00 -23.50 9.40
C HIS A 174 14.20 -24.81 9.15
N GLY A 175 13.00 -24.89 9.70
CA GLY A 175 12.12 -26.01 9.51
C GLY A 175 12.40 -27.22 10.36
N ASP A 176 13.45 -27.19 11.16
CA ASP A 176 13.77 -28.33 12.00
C ASP A 176 14.35 -27.93 13.34
N ILE A 177 13.61 -27.15 14.11
CA ILE A 177 14.09 -26.75 15.41
C ILE A 177 13.77 -27.87 16.38
N LYS A 178 14.78 -28.25 17.13
CA LYS A 178 14.74 -29.32 18.13
C LYS A 178 16.02 -29.28 18.94
N ALA A 179 15.97 -29.84 20.15
CA ALA A 179 17.03 -29.87 21.14
C ALA A 179 18.35 -30.46 20.62
N SER A 180 18.30 -31.41 19.69
CA SER A 180 19.56 -31.97 19.14
C SER A 180 20.22 -31.02 18.09
N ASN A 181 19.46 -30.02 17.60
CA ASN A 181 19.94 -28.99 16.68
C ASN A 181 20.32 -27.71 17.42
N LEU A 182 20.24 -27.76 18.74
CA LEU A 182 20.58 -26.65 19.60
C LEU A 182 21.82 -27.05 20.37
N LEU A 183 22.92 -26.40 20.04
CA LEU A 183 24.22 -26.69 20.61
C LEU A 183 24.63 -25.57 21.52
N LEU A 184 25.44 -25.92 22.51
CA LEU A 184 25.89 -24.98 23.51
C LEU A 184 27.31 -24.60 23.28
N ASN A 185 27.58 -23.30 23.40
CA ASN A 185 28.92 -22.75 23.25
C ASN A 185 29.93 -23.54 24.10
N TYR A 186 31.04 -23.97 23.46
CA TYR A 186 32.07 -24.79 24.11
C TYR A 186 32.71 -24.11 25.34
N LYS A 187 32.68 -22.75 25.41
CA LYS A 187 33.25 -21.98 26.52
C LYS A 187 32.20 -21.20 27.37
N ASN A 188 30.92 -21.09 26.89
CA ASN A 188 29.83 -20.36 27.56
C ASN A 188 28.52 -21.17 27.63
N PRO A 189 28.16 -21.72 28.83
CA PRO A 189 26.92 -22.52 28.95
C PRO A 189 25.59 -21.79 28.81
N ASP A 190 25.58 -20.44 28.82
CA ASP A 190 24.33 -19.68 28.70
C ASP A 190 23.99 -19.22 27.26
N GLN A 191 24.82 -19.65 26.29
CA GLN A 191 24.65 -19.30 24.89
C GLN A 191 24.30 -20.50 24.05
N VAL A 192 23.08 -20.53 23.55
CA VAL A 192 22.59 -21.62 22.71
C VAL A 192 22.58 -21.18 21.21
N TYR A 193 23.01 -22.10 20.35
CA TYR A 193 23.13 -21.92 18.90
C TYR A 193 22.27 -22.92 18.13
N LEU A 194 21.59 -22.45 17.08
CA LEU A 194 20.78 -23.27 16.18
C LEU A 194 21.67 -23.68 15.01
N VAL A 195 21.78 -25.02 14.78
CA VAL A 195 22.61 -25.63 13.74
C VAL A 195 21.76 -26.45 12.75
N ASP A 196 22.39 -26.92 11.69
CA ASP A 196 21.76 -27.73 10.65
C ASP A 196 20.89 -26.95 9.69
N TYR A 197 21.51 -26.47 8.62
CA TYR A 197 20.85 -25.72 7.59
C TYR A 197 20.87 -26.44 6.24
N GLY A 198 21.20 -27.72 6.29
CA GLY A 198 21.23 -28.58 5.13
C GLY A 198 19.93 -28.57 4.38
N LEU A 199 18.82 -28.53 5.10
CA LEU A 199 17.47 -28.49 4.54
C LEU A 199 16.77 -27.15 4.89
N ALA A 200 17.56 -26.09 5.15
CA ALA A 200 16.99 -24.74 5.36
C ALA A 200 16.42 -24.29 4.00
N TYR A 201 15.42 -23.44 4.06
CA TYR A 201 14.71 -23.04 2.88
C TYR A 201 14.68 -21.54 2.68
N ARG A 202 15.00 -21.08 1.47
CA ARG A 202 14.97 -19.67 1.10
C ARG A 202 13.53 -19.36 0.65
N TYR A 203 12.73 -18.97 1.63
CA TYR A 203 11.32 -18.64 1.45
C TYR A 203 11.03 -17.41 0.58
N CYS A 204 11.82 -16.36 0.70
CA CYS A 204 11.61 -15.17 -0.12
C CYS A 204 12.88 -14.63 -0.77
N PRO A 205 13.36 -15.31 -1.80
CA PRO A 205 14.55 -14.85 -2.49
C PRO A 205 14.31 -13.50 -3.13
N GLU A 206 15.29 -12.61 -3.00
CA GLU A 206 15.19 -11.24 -3.53
C GLU A 206 13.88 -10.52 -3.10
N GLY A 207 13.41 -10.82 -1.89
CA GLY A 207 12.19 -10.25 -1.31
C GLY A 207 10.85 -10.75 -1.83
N VAL A 208 10.84 -11.74 -2.76
CA VAL A 208 9.62 -12.32 -3.36
C VAL A 208 9.18 -13.59 -2.60
N HIS A 209 8.09 -13.52 -1.78
CA HIS A 209 7.64 -14.68 -0.99
C HIS A 209 7.17 -15.85 -1.86
N LYS A 210 7.62 -17.08 -1.50
CA LYS A 210 7.25 -18.34 -2.16
C LYS A 210 5.73 -18.57 -2.06
N ALA A 211 5.16 -19.16 -3.11
CA ALA A 211 3.73 -19.43 -3.15
C ALA A 211 3.36 -20.55 -2.21
N TYR A 212 2.07 -20.68 -1.89
CA TYR A 212 1.62 -21.71 -0.97
C TYR A 212 1.49 -23.06 -1.67
N ALA A 213 2.64 -23.68 -1.88
CA ALA A 213 2.78 -24.94 -2.57
C ALA A 213 4.15 -25.55 -2.25
N ALA A 214 4.31 -26.80 -2.65
CA ALA A 214 5.54 -27.55 -2.45
C ALA A 214 6.74 -26.92 -3.15
N ASP A 215 7.94 -27.14 -2.60
CA ASP A 215 9.18 -26.75 -3.24
C ASP A 215 9.47 -27.92 -4.23
N PRO A 216 9.59 -27.66 -5.56
CA PRO A 216 9.80 -28.77 -6.50
C PRO A 216 11.13 -29.53 -6.36
N LYS A 217 12.22 -28.83 -5.95
CA LYS A 217 13.55 -29.40 -5.81
C LYS A 217 13.71 -30.36 -4.63
N ARG A 218 13.40 -29.90 -3.39
CA ARG A 218 13.54 -30.73 -2.18
C ARG A 218 12.29 -30.74 -1.29
N CYS A 219 12.17 -31.76 -0.46
CA CYS A 219 11.05 -31.84 0.46
C CYS A 219 11.55 -31.63 1.88
N HIS A 220 11.10 -30.54 2.52
CA HIS A 220 11.47 -30.22 3.89
C HIS A 220 10.50 -30.76 4.94
N ASP A 221 10.49 -32.07 5.13
CA ASP A 221 9.59 -32.72 6.08
C ASP A 221 9.81 -32.37 7.56
N GLY A 222 11.06 -32.24 7.94
CA GLY A 222 11.47 -31.94 9.31
C GLY A 222 11.53 -33.19 10.17
N THR A 223 11.24 -33.04 11.47
CA THR A 223 11.16 -34.13 12.44
C THR A 223 9.68 -34.27 12.74
N ILE A 224 9.11 -35.46 12.47
CA ILE A 224 7.67 -35.75 12.55
C ILE A 224 6.97 -35.14 13.81
N GLU A 225 7.56 -35.35 15.02
CA GLU A 225 6.95 -34.88 16.26
C GLU A 225 6.85 -33.39 16.37
N PHE A 226 7.80 -32.66 15.78
CA PHE A 226 7.82 -31.20 15.91
C PHE A 226 7.45 -30.44 14.69
N THR A 227 7.34 -31.09 13.52
CA THR A 227 7.13 -30.38 12.27
C THR A 227 5.79 -29.64 12.24
N SER A 228 5.73 -28.61 11.42
CA SER A 228 4.56 -27.76 11.30
C SER A 228 3.47 -28.42 10.48
N ILE A 229 2.23 -27.90 10.58
CA ILE A 229 1.08 -28.39 9.80
C ILE A 229 1.32 -28.10 8.29
N ASP A 230 1.92 -26.95 7.96
CA ASP A 230 2.29 -26.58 6.58
C ASP A 230 3.17 -27.69 6.00
N ALA A 231 4.23 -28.09 6.73
CA ALA A 231 5.12 -29.17 6.26
C ALA A 231 4.36 -30.50 6.09
N HIS A 232 3.43 -30.82 7.01
CA HIS A 232 2.58 -32.01 6.89
C HIS A 232 1.67 -31.96 5.64
N ASN A 233 1.24 -30.74 5.25
CA ASN A 233 0.36 -30.51 4.10
C ASN A 233 1.10 -30.52 2.76
N GLY A 234 2.42 -30.73 2.84
CA GLY A 234 3.33 -30.83 1.69
C GLY A 234 3.58 -29.50 1.01
N VAL A 235 3.60 -28.42 1.77
CA VAL A 235 3.86 -27.09 1.24
C VAL A 235 5.19 -26.65 1.77
N ALA A 236 5.86 -25.73 1.06
CA ALA A 236 7.17 -25.24 1.47
C ALA A 236 7.09 -24.59 2.86
N PRO A 237 8.09 -24.81 3.74
CA PRO A 237 8.08 -24.14 5.06
C PRO A 237 8.10 -22.62 4.94
N SER A 238 7.48 -21.92 5.90
CA SER A 238 7.45 -20.45 6.01
C SER A 238 7.74 -20.08 7.45
N ARG A 239 7.71 -18.76 7.74
CA ARG A 239 8.04 -18.18 9.04
C ARG A 239 7.13 -18.66 10.16
N ARG A 240 5.80 -18.80 9.87
CA ARG A 240 4.84 -19.27 10.84
C ARG A 240 5.13 -20.69 11.32
N GLY A 241 5.57 -21.55 10.41
CA GLY A 241 5.94 -22.93 10.69
C GLY A 241 7.12 -23.07 11.62
N ASP A 242 8.12 -22.15 11.53
CA ASP A 242 9.28 -22.13 12.45
C ASP A 242 8.82 -21.82 13.87
N LEU A 243 7.86 -20.90 14.00
CA LEU A 243 7.29 -20.51 15.29
C LEU A 243 6.41 -21.58 15.89
N GLU A 244 5.72 -22.31 15.04
CA GLU A 244 4.85 -23.41 15.45
C GLU A 244 5.72 -24.57 16.01
N ILE A 245 6.81 -24.95 15.27
CA ILE A 245 7.78 -25.96 15.71
C ILE A 245 8.34 -25.62 17.10
N LEU A 246 8.68 -24.33 17.32
CA LEU A 246 9.19 -23.84 18.60
C LEU A 246 8.14 -24.02 19.71
N GLY A 247 6.87 -23.80 19.38
CA GLY A 247 5.75 -24.03 20.30
C GLY A 247 5.71 -25.46 20.81
N TYR A 248 5.78 -26.45 19.89
CA TYR A 248 5.82 -27.88 20.23
C TYR A 248 7.08 -28.27 21.02
N CYS A 249 8.23 -27.61 20.77
CA CYS A 249 9.47 -27.84 21.52
C CYS A 249 9.30 -27.43 22.98
N MET A 250 8.76 -26.23 23.22
CA MET A 250 8.46 -25.68 24.53
C MET A 250 7.61 -26.60 25.37
N ILE A 251 6.53 -27.17 24.78
CA ILE A 251 5.64 -28.11 25.48
C ILE A 251 6.41 -29.39 25.81
N GLN A 252 7.12 -29.94 24.82
CA GLN A 252 7.91 -31.15 25.01
C GLN A 252 8.98 -30.97 26.10
N TRP A 253 9.63 -29.81 26.17
CA TRP A 253 10.68 -29.50 27.16
C TRP A 253 10.13 -29.37 28.61
N LEU A 254 8.94 -28.75 28.77
CA LEU A 254 8.32 -28.53 30.06
C LEU A 254 7.71 -29.77 30.65
N THR A 255 7.13 -30.62 29.79
CA THR A 255 6.37 -31.79 30.20
C THR A 255 7.00 -33.14 29.89
N GLY A 256 7.95 -33.20 28.96
CA GLY A 256 8.56 -34.45 28.54
C GLY A 256 7.70 -35.24 27.57
N HIS A 257 6.55 -34.70 27.15
CA HIS A 257 5.62 -35.39 26.25
C HIS A 257 4.97 -34.49 25.21
N LEU A 258 4.31 -35.11 24.23
CA LEU A 258 3.47 -34.46 23.23
C LEU A 258 2.30 -35.41 23.00
N PRO A 259 1.06 -34.92 22.78
CA PRO A 259 -0.08 -35.87 22.71
C PRO A 259 0.05 -36.99 21.65
N TRP A 260 0.75 -36.70 20.55
CA TRP A 260 0.92 -37.60 19.40
C TRP A 260 2.24 -38.40 19.40
N GLU A 261 2.98 -38.43 20.54
CA GLU A 261 4.30 -39.09 20.69
C GLU A 261 4.32 -40.63 20.53
N ASP A 262 3.18 -41.28 20.71
CA ASP A 262 3.14 -42.73 20.56
C ASP A 262 2.72 -43.17 19.16
N ASN A 263 2.46 -42.20 18.29
CA ASN A 263 2.01 -42.47 16.92
C ASN A 263 2.85 -41.91 15.79
N LEU A 264 4.15 -41.78 16.01
CA LEU A 264 5.04 -41.19 15.02
C LEU A 264 5.19 -41.93 13.67
N LYS A 265 5.00 -43.23 13.65
CA LYS A 265 5.17 -43.99 12.41
C LYS A 265 4.00 -43.67 11.45
N ASP A 266 3.01 -42.92 11.94
CA ASP A 266 1.85 -42.52 11.16
C ASP A 266 1.74 -40.99 11.06
N PRO A 267 2.20 -40.42 9.95
CA PRO A 267 2.16 -38.95 9.79
C PRO A 267 0.76 -38.35 9.64
N LYS A 268 -0.24 -39.17 9.21
CA LYS A 268 -1.64 -38.78 9.07
C LYS A 268 -2.17 -38.47 10.43
N TYR A 269 -1.80 -39.30 11.40
CA TYR A 269 -2.23 -39.21 12.79
C TYR A 269 -1.66 -37.98 13.44
N VAL A 270 -0.34 -37.76 13.29
CA VAL A 270 0.41 -36.61 13.81
C VAL A 270 -0.19 -35.30 13.27
N ARG A 271 -0.45 -35.23 11.96
CA ARG A 271 -1.07 -34.04 11.34
C ARG A 271 -2.50 -33.83 11.89
N ASP A 272 -3.33 -34.90 11.91
CA ASP A 272 -4.68 -34.85 12.40
C ASP A 272 -4.75 -34.28 13.82
N SER A 273 -3.89 -34.80 14.69
CA SER A 273 -3.78 -34.36 16.06
C SER A 273 -3.37 -32.90 16.14
N LYS A 274 -2.42 -32.49 15.32
CA LYS A 274 -1.97 -31.10 15.29
C LYS A 274 -3.06 -30.14 14.79
N ILE A 275 -3.77 -30.52 13.74
CA ILE A 275 -4.85 -29.68 13.19
C ILE A 275 -5.99 -29.51 14.23
N ARG A 276 -6.35 -30.60 14.93
CA ARG A 276 -7.40 -30.53 15.97
C ARG A 276 -7.02 -29.66 17.15
N TYR A 277 -5.79 -29.79 17.63
CA TYR A 277 -5.23 -29.03 18.73
C TYR A 277 -5.02 -27.56 18.43
N ARG A 278 -4.73 -27.20 17.17
CA ARG A 278 -4.60 -25.82 16.73
C ARG A 278 -6.00 -25.14 16.78
N GLU A 279 -7.08 -25.88 16.52
CA GLU A 279 -8.46 -25.38 16.58
C GLU A 279 -8.94 -25.03 17.98
N ASN A 280 -8.40 -25.74 18.99
CA ASN A 280 -8.74 -25.57 20.39
C ASN A 280 -7.46 -25.72 21.23
N ILE A 281 -6.74 -24.60 21.41
CA ILE A 281 -5.48 -24.54 22.17
C ILE A 281 -5.70 -24.87 23.67
N ALA A 282 -6.88 -24.52 24.26
CA ALA A 282 -7.24 -24.88 25.65
C ALA A 282 -7.30 -26.39 25.82
N SER A 283 -7.69 -27.13 24.77
CA SER A 283 -7.72 -28.60 24.81
C SER A 283 -6.30 -29.17 24.84
N LEU A 284 -5.36 -28.57 24.07
CA LEU A 284 -3.94 -28.92 24.06
C LEU A 284 -3.33 -28.69 25.45
N MET A 285 -3.56 -27.50 26.01
CA MET A 285 -3.10 -27.13 27.36
C MET A 285 -3.61 -28.13 28.36
N ASP A 286 -4.88 -28.53 28.26
CA ASP A 286 -5.50 -29.59 29.08
C ASP A 286 -4.83 -30.96 28.95
N LYS A 287 -4.51 -31.38 27.72
CA LYS A 287 -3.84 -32.65 27.47
C LYS A 287 -2.39 -32.68 28.01
N CYS A 288 -1.63 -31.61 27.76
CA CYS A 288 -0.20 -31.53 28.10
C CYS A 288 0.10 -31.19 29.52
N PHE A 289 -0.74 -30.38 30.15
CA PHE A 289 -0.53 -29.95 31.51
C PHE A 289 -1.56 -30.60 32.38
N PRO A 290 -1.09 -31.37 33.38
CA PRO A 290 -2.03 -32.07 34.24
C PRO A 290 -2.63 -31.12 35.27
N ALA A 291 -3.88 -31.36 35.66
CA ALA A 291 -4.49 -30.55 36.70
C ALA A 291 -4.57 -29.03 36.53
N ALA A 292 -4.85 -28.55 35.32
CA ALA A 292 -5.02 -27.12 35.07
C ALA A 292 -3.87 -26.23 35.56
N ASN A 293 -2.64 -26.68 35.36
CA ASN A 293 -1.46 -25.94 35.78
C ASN A 293 -0.66 -25.36 34.61
N ALA A 294 -1.30 -25.20 33.47
CA ALA A 294 -0.62 -24.73 32.24
C ALA A 294 -0.09 -23.28 32.28
N PRO A 295 1.21 -23.01 31.95
CA PRO A 295 1.71 -21.62 31.93
C PRO A 295 1.02 -20.80 30.84
N GLY A 296 0.37 -19.71 31.24
CA GLY A 296 -0.40 -18.82 30.37
C GLY A 296 0.30 -18.33 29.12
N GLU A 297 1.62 -18.04 29.20
CA GLU A 297 2.38 -17.58 28.04
C GLU A 297 2.50 -18.62 26.94
N ILE A 298 2.44 -19.92 27.24
CA ILE A 298 2.49 -20.93 26.18
C ILE A 298 1.22 -20.84 25.32
N ALA A 299 0.04 -20.76 25.97
CA ALA A 299 -1.25 -20.64 25.29
C ALA A 299 -1.31 -19.34 24.46
N LYS A 300 -0.91 -18.19 25.05
CA LYS A 300 -0.87 -16.89 24.38
C LYS A 300 0.07 -16.91 23.15
N TYR A 301 1.20 -17.61 23.24
CA TYR A 301 2.13 -17.78 22.14
C TYR A 301 1.52 -18.65 21.01
N MET A 302 0.97 -19.87 21.34
CA MET A 302 0.35 -20.76 20.35
C MET A 302 -0.78 -20.01 19.64
N GLU A 303 -1.61 -19.27 20.42
CA GLU A 303 -2.71 -18.47 19.89
C GLU A 303 -2.30 -17.31 18.97
N THR A 304 -1.10 -16.73 19.17
CA THR A 304 -0.59 -15.64 18.34
C THR A 304 -0.10 -16.20 16.99
N VAL A 305 0.59 -17.34 17.03
CA VAL A 305 1.14 -18.02 15.85
C VAL A 305 0.00 -18.53 14.97
N LYS A 306 -1.08 -18.97 15.62
CA LYS A 306 -2.32 -19.46 15.00
C LYS A 306 -2.91 -18.38 14.06
N LEU A 307 -2.82 -17.10 14.47
CA LEU A 307 -3.33 -15.93 13.74
C LEU A 307 -2.45 -15.50 12.54
N LEU A 308 -1.36 -16.20 12.27
CA LEU A 308 -0.44 -15.85 11.19
C LEU A 308 -0.82 -16.49 9.87
N ASP A 309 -0.80 -15.69 8.80
CA ASP A 309 -1.02 -16.15 7.43
C ASP A 309 0.32 -16.69 6.92
N TYR A 310 0.26 -17.58 5.92
CA TYR A 310 1.41 -18.24 5.33
C TYR A 310 2.59 -17.31 4.96
N THR A 311 2.27 -16.18 4.32
CA THR A 311 3.25 -15.19 3.85
C THR A 311 3.47 -14.02 4.83
N GLU A 312 2.73 -13.99 5.93
CA GLU A 312 2.77 -12.89 6.90
C GLU A 312 4.08 -12.79 7.71
N LYS A 313 4.57 -11.55 7.87
CA LYS A 313 5.74 -11.29 8.70
C LYS A 313 5.35 -11.40 10.19
N PRO A 314 5.97 -12.28 11.01
CA PRO A 314 5.59 -12.33 12.43
C PRO A 314 6.04 -11.07 13.14
N LEU A 315 5.38 -10.75 14.26
CA LEU A 315 5.71 -9.65 15.15
C LEU A 315 6.45 -10.29 16.32
N TYR A 316 7.76 -10.45 16.13
CA TYR A 316 8.72 -11.10 17.02
C TYR A 316 8.78 -10.50 18.39
N GLU A 317 8.84 -9.15 18.49
CA GLU A 317 8.93 -8.44 19.77
C GLU A 317 7.73 -8.76 20.64
N ASN A 318 6.53 -8.84 20.02
CA ASN A 318 5.28 -9.21 20.68
C ASN A 318 5.34 -10.64 21.22
N LEU A 319 5.94 -11.56 20.46
CA LEU A 319 6.15 -12.96 20.86
C LEU A 319 7.15 -13.06 22.01
N ARG A 320 8.23 -12.25 21.97
CA ARG A 320 9.21 -12.16 23.05
C ARG A 320 8.57 -11.50 24.29
N ASP A 321 7.60 -10.57 24.11
CA ASP A 321 6.91 -9.94 25.24
C ASP A 321 5.98 -10.92 25.96
N ILE A 322 5.32 -11.83 25.21
CA ILE A 322 4.46 -12.89 25.73
C ILE A 322 5.30 -13.79 26.68
N LEU A 323 6.52 -14.17 26.26
CA LEU A 323 7.45 -14.97 27.05
C LEU A 323 8.06 -14.18 28.24
N LEU A 324 8.24 -12.85 28.09
CA LEU A 324 8.77 -11.99 29.16
C LEU A 324 7.76 -11.87 30.32
N GLN A 325 6.45 -11.98 30.01
CA GLN A 325 5.38 -11.96 30.99
C GLN A 325 5.49 -13.25 31.83
N GLY A 326 5.82 -14.35 31.14
CA GLY A 326 6.08 -15.66 31.75
C GLY A 326 7.26 -15.63 32.71
N LEU A 327 8.29 -14.81 32.43
CA LEU A 327 9.45 -14.67 33.33
C LEU A 327 9.10 -13.88 34.58
N LYS A 328 8.27 -12.82 34.46
CA LYS A 328 7.82 -12.01 35.60
C LYS A 328 6.93 -12.84 36.55
N ALA A 329 6.10 -13.75 35.98
CA ALA A 329 5.19 -14.64 36.74
C ALA A 329 5.94 -15.61 37.69
N ILE A 330 7.21 -15.93 37.40
CA ILE A 330 8.05 -16.81 38.22
C ILE A 330 9.11 -16.02 39.02
N GLY A 331 8.90 -14.71 39.12
CA GLY A 331 9.82 -13.80 39.78
C GLY A 331 11.20 -13.66 39.16
N SER A 332 11.25 -13.60 37.83
CA SER A 332 12.49 -13.49 37.10
C SER A 332 12.50 -12.42 36.00
N LYS A 333 13.70 -12.17 35.49
CA LYS A 333 13.94 -11.18 34.43
C LYS A 333 14.82 -11.80 33.34
N ASP A 334 14.89 -11.16 32.17
CA ASP A 334 15.73 -11.70 31.11
C ASP A 334 17.18 -11.37 31.44
N ASP A 335 17.82 -12.24 32.20
CA ASP A 335 19.22 -12.07 32.61
C ASP A 335 20.13 -13.01 31.76
N GLY A 336 19.55 -13.65 30.75
CA GLY A 336 20.23 -14.58 29.86
C GLY A 336 20.74 -15.85 30.51
N LYS A 337 20.21 -16.24 31.69
CA LYS A 337 20.65 -17.44 32.40
C LYS A 337 19.81 -18.65 32.01
N LEU A 338 20.43 -19.62 31.32
CA LEU A 338 19.74 -20.82 30.87
C LEU A 338 19.40 -21.80 32.00
N ASP A 339 20.22 -21.85 33.07
CA ASP A 339 20.06 -22.74 34.25
C ASP A 339 20.15 -24.25 33.89
N LEU A 340 21.25 -24.63 33.20
CA LEU A 340 21.55 -26.00 32.79
C LEU A 340 22.62 -26.66 33.69
N ILE B 50 -35.48 3.09 25.64
CA ILE B 50 -34.23 3.63 25.12
C ILE B 50 -34.41 5.05 24.56
N TYR B 51 -33.44 5.94 24.83
CA TYR B 51 -33.45 7.35 24.41
C TYR B 51 -32.06 7.86 24.00
N LEU B 52 -32.00 9.08 23.44
CA LEU B 52 -30.75 9.74 23.01
C LEU B 52 -29.93 10.18 24.22
N ALA B 53 -28.58 10.23 24.08
CA ALA B 53 -27.68 10.64 25.16
C ALA B 53 -26.59 11.60 24.68
N VAL B 68 -26.35 7.29 22.91
CA VAL B 68 -27.61 6.62 23.25
C VAL B 68 -27.58 6.05 24.69
N VAL B 69 -28.74 6.05 25.34
CA VAL B 69 -28.86 5.50 26.69
C VAL B 69 -30.07 4.57 26.76
N LYS B 70 -29.93 3.46 27.44
CA LYS B 70 -31.02 2.50 27.53
C LYS B 70 -31.41 2.17 28.97
N VAL B 71 -32.67 2.42 29.30
CA VAL B 71 -33.19 2.16 30.65
C VAL B 71 -34.25 1.05 30.70
N GLU B 72 -34.27 0.27 31.80
CA GLU B 72 -35.21 -0.82 32.06
C GLU B 72 -35.27 -1.14 33.56
N GLY B 77 -34.02 -8.20 34.56
CA GLY B 77 -34.37 -9.24 33.59
C GLY B 77 -33.41 -9.29 32.42
N PRO B 78 -33.90 -8.93 31.24
CA PRO B 78 -33.09 -8.94 30.02
C PRO B 78 -31.91 -7.98 30.10
N LEU B 79 -32.14 -6.77 30.59
CA LEU B 79 -31.06 -5.79 30.68
C LEU B 79 -29.94 -6.28 31.57
N PHE B 80 -30.29 -7.03 32.61
CA PHE B 80 -29.28 -7.58 33.49
C PHE B 80 -28.40 -8.55 32.70
N THR B 81 -29.03 -9.38 31.87
CA THR B 81 -28.31 -10.31 31.04
C THR B 81 -27.45 -9.54 30.04
N GLU B 82 -28.04 -8.51 29.46
CA GLU B 82 -27.35 -7.69 28.49
C GLU B 82 -26.14 -6.99 29.08
N LEU B 83 -26.32 -6.41 30.25
CA LEU B 83 -25.24 -5.70 30.92
C LEU B 83 -24.09 -6.63 31.27
N LYS B 84 -24.42 -7.83 31.71
CA LYS B 84 -23.38 -8.80 32.06
C LYS B 84 -22.52 -9.17 30.86
N PHE B 85 -23.14 -9.33 29.70
CA PHE B 85 -22.40 -9.67 28.50
C PHE B 85 -21.44 -8.57 28.08
N TYR B 86 -21.89 -7.33 28.15
CA TYR B 86 -21.06 -6.20 27.78
C TYR B 86 -19.88 -6.07 28.73
N GLN B 87 -20.13 -6.30 30.01
CA GLN B 87 -19.08 -6.22 31.02
C GLN B 87 -17.97 -7.23 30.82
N ARG B 88 -18.32 -8.46 30.49
CA ARG B 88 -17.33 -9.52 30.33
C ARG B 88 -16.76 -9.68 28.94
N ALA B 89 -17.54 -9.38 27.92
CA ALA B 89 -17.07 -9.59 26.57
C ALA B 89 -17.00 -8.38 25.65
N ALA B 90 -17.57 -7.25 26.02
CA ALA B 90 -17.55 -6.11 25.10
C ALA B 90 -16.80 -4.85 25.49
N LYS B 91 -15.82 -4.96 26.37
CA LYS B 91 -14.99 -3.80 26.71
C LYS B 91 -14.24 -3.30 25.48
N PRO B 92 -14.13 -1.99 25.33
CA PRO B 92 -13.46 -1.42 24.13
C PRO B 92 -12.08 -1.99 23.79
N GLU B 93 -11.28 -2.35 24.82
CA GLU B 93 -9.93 -2.89 24.65
C GLU B 93 -9.94 -4.34 24.13
N GLN B 94 -10.93 -5.14 24.57
CA GLN B 94 -11.15 -6.53 24.15
C GLN B 94 -11.47 -6.58 22.66
N ILE B 95 -12.32 -5.64 22.20
CA ILE B 95 -12.77 -5.50 20.82
C ILE B 95 -11.64 -5.01 19.93
N GLN B 96 -10.88 -3.98 20.37
CA GLN B 96 -9.75 -3.46 19.61
C GLN B 96 -8.62 -4.46 19.46
N LYS B 97 -8.39 -5.33 20.48
CA LYS B 97 -7.36 -6.37 20.41
C LYS B 97 -7.75 -7.43 19.35
N TRP B 98 -9.06 -7.77 19.24
CA TRP B 98 -9.58 -8.71 18.23
C TRP B 98 -9.46 -8.11 16.82
N ILE B 99 -9.89 -6.84 16.62
CA ILE B 99 -9.81 -6.13 15.33
C ILE B 99 -8.36 -6.14 14.80
N ARG B 100 -7.38 -5.72 15.64
CA ARG B 100 -5.97 -5.70 15.29
C ARG B 100 -5.39 -7.09 14.97
N THR B 101 -5.52 -8.06 15.90
CA THR B 101 -4.98 -9.41 15.74
C THR B 101 -5.64 -10.21 14.60
N ARG B 102 -6.94 -9.98 14.36
CA ARG B 102 -7.68 -10.68 13.31
C ARG B 102 -7.63 -9.98 11.96
N LYS B 103 -7.03 -8.76 11.92
CA LYS B 103 -6.82 -7.97 10.72
C LYS B 103 -8.14 -7.62 10.04
N LEU B 104 -9.08 -7.10 10.84
CA LEU B 104 -10.41 -6.69 10.42
C LEU B 104 -10.48 -5.19 10.24
N LYS B 105 -11.40 -4.71 9.37
CA LYS B 105 -11.61 -3.27 9.17
C LYS B 105 -12.41 -2.73 10.38
N TYR B 106 -13.30 -3.56 10.93
CA TYR B 106 -14.14 -3.22 12.09
C TYR B 106 -14.73 -4.51 12.65
N LEU B 107 -15.40 -4.41 13.79
CA LEU B 107 -16.09 -5.54 14.40
C LEU B 107 -17.51 -5.07 14.69
N GLY B 108 -18.46 -5.98 14.56
CA GLY B 108 -19.87 -5.66 14.73
C GLY B 108 -20.45 -5.58 16.13
N VAL B 109 -19.63 -5.78 17.15
CA VAL B 109 -20.12 -5.68 18.51
C VAL B 109 -20.13 -4.24 19.00
N PRO B 110 -21.26 -3.75 19.47
CA PRO B 110 -21.35 -2.37 19.95
C PRO B 110 -20.49 -2.17 21.18
N LYS B 111 -19.76 -1.05 21.23
CA LYS B 111 -18.93 -0.76 22.39
C LYS B 111 -19.80 -0.20 23.53
N TYR B 112 -19.50 -0.67 24.73
CA TYR B 112 -20.17 -0.28 25.95
C TYR B 112 -19.31 0.80 26.57
N TRP B 113 -19.93 1.86 27.07
CA TRP B 113 -19.17 3.00 27.60
C TRP B 113 -19.37 3.26 29.11
N GLY B 114 -20.54 2.91 29.63
CA GLY B 114 -20.85 3.10 31.03
C GLY B 114 -22.25 2.63 31.41
N SER B 115 -22.50 2.52 32.71
CA SER B 115 -23.80 2.11 33.20
C SER B 115 -24.04 2.60 34.63
N GLY B 116 -25.22 2.33 35.16
CA GLY B 116 -25.55 2.77 36.51
C GLY B 116 -26.99 2.54 36.90
N LEU B 117 -27.37 3.08 38.05
CA LEU B 117 -28.74 2.96 38.55
C LEU B 117 -29.34 4.34 38.82
N ARG B 126 -32.26 0.72 36.13
CA ARG B 126 -31.05 0.26 35.48
C ARG B 126 -30.86 0.97 34.14
N PHE B 127 -29.64 1.46 33.90
CA PHE B 127 -29.33 2.16 32.66
C PHE B 127 -28.00 1.75 32.04
N MET B 128 -27.87 1.97 30.74
CA MET B 128 -26.64 1.61 30.02
C MET B 128 -26.27 2.65 28.97
N ILE B 129 -24.98 2.91 28.81
CA ILE B 129 -24.49 3.88 27.85
C ILE B 129 -23.87 3.16 26.66
N MET B 130 -24.50 3.27 25.50
CA MET B 130 -24.01 2.58 24.31
C MET B 130 -23.55 3.47 23.15
N ASP B 131 -23.19 2.83 22.05
CA ASP B 131 -22.69 3.51 20.84
C ASP B 131 -23.82 4.15 20.03
N ARG B 132 -23.47 4.96 19.05
CA ARG B 132 -24.45 5.62 18.19
C ARG B 132 -24.63 4.87 16.86
N PHE B 133 -25.87 4.53 16.51
CA PHE B 133 -26.14 3.80 15.29
C PHE B 133 -27.24 4.37 14.39
N GLY B 134 -27.19 3.94 13.13
CA GLY B 134 -28.13 4.33 12.10
C GLY B 134 -29.33 3.41 12.03
N SER B 135 -30.04 3.43 10.91
CA SER B 135 -31.24 2.62 10.76
C SER B 135 -30.98 1.12 10.80
N ASP B 136 -32.00 0.38 11.22
CA ASP B 136 -31.85 -1.06 11.27
C ASP B 136 -32.01 -1.64 9.87
N LEU B 137 -31.55 -2.87 9.67
CA LEU B 137 -31.64 -3.48 8.36
C LEU B 137 -33.07 -3.83 7.95
N GLN B 138 -33.95 -4.06 8.92
CA GLN B 138 -35.34 -4.36 8.62
C GLN B 138 -36.02 -3.22 7.87
N LYS B 139 -35.77 -1.98 8.27
CA LYS B 139 -36.37 -0.85 7.58
C LYS B 139 -35.88 -0.78 6.13
N ILE B 140 -34.58 -1.02 5.96
CA ILE B 140 -33.95 -1.03 4.65
C ILE B 140 -34.47 -2.14 3.75
N TYR B 141 -34.68 -3.30 4.35
CA TYR B 141 -35.18 -4.49 3.68
C TYR B 141 -36.57 -4.23 3.12
N GLU B 142 -37.42 -3.64 3.95
CA GLU B 142 -38.80 -3.28 3.58
C GLU B 142 -38.85 -2.22 2.47
N ALA B 143 -37.95 -1.20 2.55
CA ALA B 143 -37.82 -0.11 1.57
C ALA B 143 -37.40 -0.62 0.19
N ASN B 144 -36.71 -1.78 0.17
CA ASN B 144 -36.20 -2.47 -1.01
C ASN B 144 -37.15 -3.63 -1.44
N ALA B 145 -38.47 -3.48 -1.17
CA ALA B 145 -39.55 -4.44 -1.50
C ALA B 145 -39.28 -5.87 -0.99
N LYS B 146 -38.82 -5.95 0.27
CA LYS B 146 -38.50 -7.15 1.03
C LYS B 146 -37.49 -8.08 0.28
N ARG B 147 -36.44 -7.47 -0.30
CA ARG B 147 -35.35 -8.19 -0.98
C ARG B 147 -34.01 -7.53 -0.73
N PHE B 148 -32.94 -8.35 -0.71
CA PHE B 148 -31.53 -7.97 -0.70
C PHE B 148 -30.87 -8.75 -1.82
N SER B 149 -29.83 -8.18 -2.42
CA SER B 149 -29.14 -8.87 -3.51
C SER B 149 -28.23 -9.98 -2.99
N ARG B 150 -27.81 -10.86 -3.88
CA ARG B 150 -26.94 -11.96 -3.54
C ARG B 150 -25.65 -11.42 -2.96
N LYS B 151 -25.18 -10.32 -3.52
CA LYS B 151 -23.96 -9.67 -3.05
C LYS B 151 -24.13 -9.06 -1.66
N THR B 152 -25.24 -8.40 -1.43
CA THR B 152 -25.47 -7.78 -0.13
C THR B 152 -25.56 -8.83 0.97
N VAL B 153 -26.28 -9.90 0.69
CA VAL B 153 -26.44 -10.96 1.66
C VAL B 153 -25.11 -11.62 1.99
N LEU B 154 -24.30 -11.87 0.97
CA LEU B 154 -23.00 -12.48 1.18
C LEU B 154 -22.11 -11.57 2.00
N GLN B 155 -22.12 -10.29 1.69
CA GLN B 155 -21.31 -9.31 2.42
C GLN B 155 -21.77 -9.19 3.86
N LEU B 156 -23.08 -9.19 4.05
CA LEU B 156 -23.68 -9.08 5.37
C LEU B 156 -23.33 -10.27 6.22
N SER B 157 -23.41 -11.45 5.61
CA SER B 157 -23.13 -12.71 6.27
C SER B 157 -21.69 -12.83 6.73
N LEU B 158 -20.77 -12.34 5.93
CA LEU B 158 -19.36 -12.40 6.27
C LEU B 158 -19.07 -11.63 7.54
N ARG B 159 -19.71 -10.48 7.69
CA ARG B 159 -19.51 -9.65 8.86
C ARG B 159 -20.20 -10.25 10.08
N ILE B 160 -21.36 -10.86 9.86
CA ILE B 160 -22.09 -11.52 10.93
C ILE B 160 -21.29 -12.69 11.47
N LEU B 161 -20.62 -13.42 10.59
CA LEU B 161 -19.77 -14.54 10.97
C LEU B 161 -18.61 -14.04 11.84
N ASP B 162 -18.05 -12.87 11.52
CA ASP B 162 -16.97 -12.30 12.30
C ASP B 162 -17.47 -12.01 13.70
N ILE B 163 -18.69 -11.46 13.80
CA ILE B 163 -19.30 -11.12 15.06
C ILE B 163 -19.61 -12.37 15.86
N LEU B 164 -20.12 -13.39 15.19
CA LEU B 164 -20.46 -14.62 15.85
C LEU B 164 -19.21 -15.26 16.40
N GLU B 165 -18.13 -15.30 15.62
CA GLU B 165 -16.90 -15.91 16.09
C GLU B 165 -16.37 -15.21 17.33
N TYR B 166 -16.43 -13.89 17.35
CA TYR B 166 -15.96 -13.15 18.49
C TYR B 166 -16.76 -13.44 19.75
N ILE B 167 -18.08 -13.50 19.63
CA ILE B 167 -18.89 -13.77 20.81
C ILE B 167 -18.79 -15.23 21.25
N HIS B 168 -18.74 -16.16 20.31
CA HIS B 168 -18.61 -17.56 20.66
C HIS B 168 -17.31 -17.82 21.39
N GLU B 169 -16.24 -17.19 20.92
CA GLU B 169 -14.92 -17.29 21.53
C GLU B 169 -14.87 -16.70 22.95
N HIS B 170 -15.76 -15.75 23.22
CA HIS B 170 -15.89 -15.08 24.49
C HIS B 170 -17.01 -15.69 25.35
N GLU B 171 -17.30 -16.96 25.07
CA GLU B 171 -18.27 -17.83 25.78
C GLU B 171 -19.76 -17.50 25.68
N TYR B 172 -20.18 -16.84 24.61
CA TYR B 172 -21.57 -16.47 24.47
C TYR B 172 -22.19 -16.74 23.11
N VAL B 173 -23.48 -17.02 23.11
CA VAL B 173 -24.27 -17.15 21.88
C VAL B 173 -25.37 -16.05 21.90
N HIS B 174 -25.71 -15.52 20.74
CA HIS B 174 -26.73 -14.50 20.62
C HIS B 174 -28.11 -15.14 20.69
N GLY B 175 -28.43 -15.96 19.71
CA GLY B 175 -29.71 -16.63 19.68
C GLY B 175 -30.87 -15.89 19.05
N ASP B 176 -30.65 -14.65 18.63
CA ASP B 176 -31.69 -13.88 18.00
C ASP B 176 -31.17 -13.01 16.87
N ILE B 177 -30.59 -13.62 15.86
CA ILE B 177 -30.07 -12.87 14.73
C ILE B 177 -31.22 -12.59 13.79
N LYS B 178 -31.32 -11.33 13.37
CA LYS B 178 -32.40 -10.87 12.47
C LYS B 178 -32.12 -9.45 12.06
N ALA B 179 -32.72 -9.02 10.95
CA ALA B 179 -32.53 -7.69 10.41
C ALA B 179 -32.83 -6.56 11.40
N SER B 180 -33.86 -6.71 12.21
CA SER B 180 -34.23 -5.67 13.18
C SER B 180 -33.21 -5.55 14.34
N ASN B 181 -32.29 -6.50 14.42
CA ASN B 181 -31.23 -6.53 15.42
C ASN B 181 -29.88 -6.16 14.82
N LEU B 182 -29.89 -5.78 13.55
CA LEU B 182 -28.72 -5.39 12.81
C LEU B 182 -28.83 -3.90 12.49
N LEU B 183 -27.93 -3.12 13.08
CA LEU B 183 -27.93 -1.68 12.92
C LEU B 183 -26.69 -1.21 12.17
N LEU B 184 -26.83 -0.14 11.42
CA LEU B 184 -25.73 0.42 10.66
C LEU B 184 -24.98 1.50 11.43
N ASN B 185 -23.70 1.66 11.13
CA ASN B 185 -22.87 2.68 11.78
C ASN B 185 -23.41 4.08 11.40
N TYR B 186 -23.57 4.95 12.41
CA TYR B 186 -24.08 6.32 12.29
C TYR B 186 -23.33 7.18 11.25
N LYS B 187 -22.03 6.86 10.99
CA LYS B 187 -21.17 7.56 10.03
C LYS B 187 -20.65 6.66 8.87
N ASN B 188 -20.95 5.33 8.90
CA ASN B 188 -20.50 4.42 7.85
C ASN B 188 -21.62 3.43 7.42
N PRO B 189 -22.19 3.62 6.20
CA PRO B 189 -23.27 2.70 5.73
C PRO B 189 -22.81 1.27 5.38
N ASP B 190 -21.48 0.98 5.43
CA ASP B 190 -20.93 -0.34 5.12
C ASP B 190 -20.58 -1.17 6.37
N GLN B 191 -20.91 -0.66 7.56
CA GLN B 191 -20.61 -1.34 8.82
C GLN B 191 -21.86 -1.70 9.60
N VAL B 192 -22.17 -2.98 9.67
CA VAL B 192 -23.36 -3.43 10.38
C VAL B 192 -23.02 -3.99 11.75
N TYR B 193 -23.84 -3.68 12.73
CA TYR B 193 -23.62 -4.14 14.10
C TYR B 193 -24.76 -5.03 14.60
N LEU B 194 -24.43 -5.99 15.44
CA LEU B 194 -25.42 -6.88 16.01
C LEU B 194 -25.72 -6.40 17.42
N VAL B 195 -26.99 -6.13 17.68
CA VAL B 195 -27.44 -5.59 18.95
C VAL B 195 -28.46 -6.50 19.63
N ASP B 196 -28.80 -6.14 20.87
CA ASP B 196 -29.76 -6.82 21.75
C ASP B 196 -29.26 -8.17 22.25
N TYR B 197 -28.58 -8.11 23.37
CA TYR B 197 -27.95 -9.25 24.03
C TYR B 197 -28.70 -9.65 25.30
N GLY B 198 -29.98 -9.33 25.31
CA GLY B 198 -30.91 -9.66 26.38
C GLY B 198 -31.23 -11.15 26.43
N LEU B 199 -31.35 -11.79 25.25
CA LEU B 199 -31.56 -13.24 25.13
C LEU B 199 -30.22 -14.01 25.12
N ALA B 200 -29.06 -13.30 25.07
CA ALA B 200 -27.71 -13.91 25.02
C ALA B 200 -27.53 -14.96 26.09
N TYR B 201 -26.80 -16.00 25.76
CA TYR B 201 -26.57 -17.09 26.69
C TYR B 201 -25.11 -17.47 26.80
N ARG B 202 -24.66 -17.66 28.03
CA ARG B 202 -23.29 -18.07 28.27
C ARG B 202 -23.24 -19.59 28.22
N TYR B 203 -23.05 -20.10 27.02
CA TYR B 203 -23.04 -21.52 26.76
C TYR B 203 -21.80 -22.25 27.28
N CYS B 204 -20.66 -21.55 27.42
CA CYS B 204 -19.42 -22.18 27.81
C CYS B 204 -18.68 -21.45 28.93
N PRO B 205 -19.23 -21.45 30.13
CA PRO B 205 -18.55 -20.78 31.23
C PRO B 205 -17.30 -21.56 31.60
N GLU B 206 -16.20 -20.85 31.95
CA GLU B 206 -14.89 -21.40 32.32
C GLU B 206 -14.44 -22.53 31.33
N GLY B 207 -14.77 -22.41 30.04
CA GLY B 207 -14.44 -23.43 29.06
C GLY B 207 -15.17 -24.76 29.13
N VAL B 208 -16.23 -24.84 29.94
CA VAL B 208 -17.01 -26.08 30.08
C VAL B 208 -18.37 -25.87 29.42
N HIS B 209 -18.57 -26.54 28.29
CA HIS B 209 -19.81 -26.45 27.52
C HIS B 209 -21.00 -27.04 28.23
N LYS B 210 -22.12 -26.33 28.17
CA LYS B 210 -23.38 -26.76 28.75
C LYS B 210 -23.81 -28.06 28.08
N ALA B 211 -24.31 -29.01 28.87
CA ALA B 211 -24.73 -30.30 28.34
C ALA B 211 -26.06 -30.18 27.67
N TYR B 212 -26.27 -30.97 26.60
CA TYR B 212 -27.54 -31.03 25.87
C TYR B 212 -28.63 -31.48 26.84
N ALA B 213 -29.74 -30.72 26.91
CA ALA B 213 -30.90 -31.01 27.79
C ALA B 213 -32.12 -30.30 27.23
N ALA B 214 -33.21 -31.01 27.01
CA ALA B 214 -34.47 -30.40 26.53
C ALA B 214 -35.22 -29.97 27.79
N ASP B 215 -35.60 -28.70 27.85
CA ASP B 215 -36.26 -28.13 29.02
C ASP B 215 -37.53 -27.41 28.59
N PRO B 216 -38.65 -27.73 29.23
CA PRO B 216 -39.95 -27.17 28.87
C PRO B 216 -39.96 -25.65 28.92
N LYS B 217 -39.33 -25.08 29.94
CA LYS B 217 -39.32 -23.63 30.09
C LYS B 217 -38.61 -22.91 28.94
N ARG B 218 -37.69 -23.60 28.28
CA ARG B 218 -36.94 -23.01 27.19
C ARG B 218 -37.51 -23.21 25.80
N CYS B 219 -38.61 -23.93 25.69
CA CYS B 219 -39.17 -24.22 24.38
C CYS B 219 -39.60 -22.99 23.59
N HIS B 220 -39.26 -23.01 22.31
CA HIS B 220 -39.57 -21.96 21.35
C HIS B 220 -39.05 -20.58 21.69
N ASP B 221 -37.85 -20.50 22.28
CA ASP B 221 -37.24 -19.24 22.63
C ASP B 221 -36.70 -18.58 21.37
N GLY B 222 -36.54 -17.26 21.39
CA GLY B 222 -36.05 -16.52 20.22
C GLY B 222 -37.17 -16.01 19.33
N THR B 223 -36.86 -15.53 18.15
CA THR B 223 -37.89 -15.08 17.23
C THR B 223 -38.32 -16.34 16.52
N ILE B 224 -39.61 -16.63 16.53
CA ILE B 224 -40.10 -17.91 16.01
C ILE B 224 -39.77 -18.25 14.56
N GLU B 225 -39.84 -17.29 13.64
CA GLU B 225 -39.51 -17.56 12.25
C GLU B 225 -38.05 -17.94 12.03
N PHE B 226 -37.14 -17.32 12.76
CA PHE B 226 -35.72 -17.56 12.58
C PHE B 226 -34.99 -18.40 13.63
N THR B 227 -35.67 -18.76 14.72
CA THR B 227 -35.04 -19.53 15.80
C THR B 227 -34.60 -20.98 15.38
N SER B 228 -33.63 -21.54 16.08
CA SER B 228 -33.09 -22.86 15.76
C SER B 228 -33.98 -24.01 16.23
N ILE B 229 -33.75 -25.20 15.66
CA ILE B 229 -34.41 -26.45 16.05
C ILE B 229 -34.16 -26.73 17.55
N ASP B 230 -32.90 -26.55 18.02
CA ASP B 230 -32.51 -26.70 19.42
C ASP B 230 -33.42 -25.81 20.30
N ALA B 231 -33.58 -24.55 19.95
CA ALA B 231 -34.45 -23.64 20.70
C ALA B 231 -35.89 -24.18 20.74
N HIS B 232 -36.42 -24.58 19.60
CA HIS B 232 -37.77 -25.16 19.51
C HIS B 232 -37.91 -26.39 20.42
N ASN B 233 -36.82 -27.18 20.61
CA ASN B 233 -36.83 -28.39 21.46
C ASN B 233 -36.65 -28.12 22.96
N GLY B 234 -36.39 -26.86 23.32
CA GLY B 234 -36.20 -26.45 24.70
C GLY B 234 -34.76 -26.57 25.15
N VAL B 235 -33.87 -26.71 24.18
CA VAL B 235 -32.46 -26.88 24.45
C VAL B 235 -31.80 -25.50 24.49
N ALA B 236 -30.96 -25.24 25.51
CA ALA B 236 -30.19 -24.00 25.69
C ALA B 236 -29.41 -23.73 24.38
N PRO B 237 -29.38 -22.48 23.88
CA PRO B 237 -28.66 -22.22 22.61
C PRO B 237 -27.15 -22.53 22.62
N SER B 238 -26.66 -22.94 21.47
CA SER B 238 -25.25 -23.22 21.29
C SER B 238 -24.75 -22.59 19.98
N ARG B 239 -23.50 -22.84 19.62
CA ARG B 239 -22.92 -22.23 18.43
C ARG B 239 -23.60 -22.60 17.12
N ARG B 240 -23.99 -23.85 16.95
CA ARG B 240 -24.64 -24.28 15.73
C ARG B 240 -25.98 -23.58 15.51
N GLY B 241 -26.72 -23.33 16.58
CA GLY B 241 -28.00 -22.67 16.51
C GLY B 241 -27.87 -21.27 15.93
N ASP B 242 -26.83 -20.55 16.31
CA ASP B 242 -26.59 -19.20 15.81
C ASP B 242 -26.37 -19.22 14.31
N LEU B 243 -25.63 -20.23 13.86
CA LEU B 243 -25.33 -20.39 12.45
C LEU B 243 -26.58 -20.79 11.68
N GLU B 244 -27.41 -21.62 12.31
CA GLU B 244 -28.66 -22.05 11.72
C GLU B 244 -29.61 -20.88 11.51
N ILE B 245 -29.65 -19.99 12.50
CA ILE B 245 -30.48 -18.81 12.44
C ILE B 245 -30.02 -17.89 11.32
N LEU B 246 -28.72 -17.77 11.15
CA LEU B 246 -28.16 -16.94 10.10
C LEU B 246 -28.55 -17.48 8.73
N GLY B 247 -28.55 -18.81 8.58
CA GLY B 247 -28.93 -19.41 7.33
C GLY B 247 -30.36 -19.09 6.99
N TYR B 248 -31.25 -19.12 7.98
CA TYR B 248 -32.65 -18.79 7.79
C TYR B 248 -32.80 -17.34 7.38
N CYS B 249 -32.01 -16.47 7.97
CA CYS B 249 -32.04 -15.07 7.63
C CYS B 249 -31.64 -14.87 6.18
N MET B 250 -30.61 -15.58 5.74
CA MET B 250 -30.12 -15.43 4.38
C MET B 250 -31.16 -15.77 3.33
N ILE B 251 -31.94 -16.81 3.56
CA ILE B 251 -32.98 -17.22 2.62
C ILE B 251 -34.11 -16.19 2.60
N GLN B 252 -34.47 -15.72 3.77
CA GLN B 252 -35.48 -14.69 3.97
C GLN B 252 -35.05 -13.42 3.23
N TRP B 253 -33.77 -13.02 3.35
CA TRP B 253 -33.26 -11.79 2.70
C TRP B 253 -33.21 -11.91 1.16
N LEU B 254 -32.79 -13.07 0.67
CA LEU B 254 -32.74 -13.37 -0.76
C LEU B 254 -34.10 -13.54 -1.40
N THR B 255 -35.03 -14.25 -0.76
CA THR B 255 -36.34 -14.60 -1.36
C THR B 255 -37.54 -13.75 -0.92
N GLY B 256 -37.45 -13.19 0.28
CA GLY B 256 -38.55 -12.43 0.89
C GLY B 256 -39.48 -13.33 1.69
N HIS B 257 -39.22 -14.65 1.72
CA HIS B 257 -40.07 -15.63 2.38
C HIS B 257 -39.30 -16.77 3.01
N LEU B 258 -39.96 -17.46 3.96
CA LEU B 258 -39.49 -18.71 4.58
C LEU B 258 -40.68 -19.69 4.47
N PRO B 259 -40.50 -21.01 4.27
CA PRO B 259 -41.67 -21.90 4.05
C PRO B 259 -42.73 -21.94 5.15
N TRP B 260 -42.36 -21.67 6.41
CA TRP B 260 -43.25 -21.73 7.58
C TRP B 260 -43.87 -20.39 7.95
N GLU B 261 -43.62 -19.33 7.17
CA GLU B 261 -44.05 -17.95 7.46
C GLU B 261 -45.57 -17.71 7.68
N ASP B 262 -46.42 -18.60 7.20
CA ASP B 262 -47.85 -18.44 7.37
C ASP B 262 -48.42 -19.19 8.57
N ASN B 263 -47.57 -19.94 9.24
CA ASN B 263 -48.00 -20.70 10.40
C ASN B 263 -47.18 -20.40 11.62
N LEU B 264 -46.87 -19.12 11.81
CA LEU B 264 -46.07 -18.63 12.95
C LEU B 264 -46.77 -18.83 14.29
N LYS B 265 -48.09 -18.78 14.28
CA LYS B 265 -48.94 -19.00 15.44
C LYS B 265 -48.89 -20.43 16.01
N ASP B 266 -48.51 -21.40 15.18
CA ASP B 266 -48.38 -22.80 15.58
C ASP B 266 -46.89 -23.17 15.71
N PRO B 267 -46.33 -23.11 16.91
CA PRO B 267 -44.91 -23.41 17.15
C PRO B 267 -44.44 -24.83 16.82
N LYS B 268 -45.31 -25.83 17.01
CA LYS B 268 -45.01 -27.23 16.72
C LYS B 268 -44.88 -27.45 15.20
N TYR B 269 -45.72 -26.75 14.41
CA TYR B 269 -45.65 -26.80 12.95
C TYR B 269 -44.30 -26.24 12.47
N VAL B 270 -43.89 -25.05 12.97
CA VAL B 270 -42.65 -24.37 12.61
C VAL B 270 -41.44 -25.30 12.92
N ARG B 271 -41.40 -25.87 14.14
CA ARG B 271 -40.36 -26.80 14.56
C ARG B 271 -40.25 -27.98 13.60
N ASP B 272 -41.40 -28.65 13.34
CA ASP B 272 -41.53 -29.83 12.47
C ASP B 272 -41.13 -29.54 11.02
N SER B 273 -41.51 -28.37 10.51
CA SER B 273 -41.20 -27.87 9.18
C SER B 273 -39.66 -27.67 9.05
N LYS B 274 -39.04 -27.08 10.05
CA LYS B 274 -37.59 -26.89 10.04
C LYS B 274 -36.92 -28.25 10.08
N ILE B 275 -37.37 -29.13 10.95
CA ILE B 275 -36.82 -30.48 11.08
C ILE B 275 -36.86 -31.18 9.74
N ARG B 276 -38.03 -31.22 9.07
CA ARG B 276 -38.14 -31.91 7.77
C ARG B 276 -37.25 -31.26 6.70
N TYR B 277 -37.12 -29.93 6.68
CA TYR B 277 -36.24 -29.22 5.74
C TYR B 277 -34.73 -29.35 6.09
N ARG B 278 -34.39 -29.72 7.35
CA ARG B 278 -33.00 -29.98 7.73
C ARG B 278 -32.64 -31.38 7.23
N GLU B 279 -33.60 -32.36 7.33
CA GLU B 279 -33.38 -33.72 6.83
C GLU B 279 -33.27 -33.73 5.28
N ASN B 280 -33.90 -32.76 4.62
CA ASN B 280 -33.90 -32.68 3.16
C ASN B 280 -33.69 -31.23 2.74
N ILE B 281 -32.42 -30.81 2.60
CA ILE B 281 -32.02 -29.44 2.24
C ILE B 281 -32.35 -29.15 0.79
N ALA B 282 -32.24 -30.17 -0.08
CA ALA B 282 -32.58 -30.07 -1.50
C ALA B 282 -34.04 -29.63 -1.65
N SER B 283 -34.95 -30.20 -0.82
CA SER B 283 -36.36 -29.82 -0.82
C SER B 283 -36.58 -28.44 -0.21
N LEU B 284 -35.66 -27.97 0.66
CA LEU B 284 -35.75 -26.61 1.19
C LEU B 284 -35.42 -25.61 0.07
N MET B 285 -34.38 -25.91 -0.71
CA MET B 285 -33.96 -25.14 -1.87
C MET B 285 -35.06 -25.13 -2.92
N ASP B 286 -35.78 -26.27 -3.09
CA ASP B 286 -36.90 -26.37 -4.03
C ASP B 286 -38.08 -25.50 -3.60
N LYS B 287 -38.39 -25.43 -2.30
CA LYS B 287 -39.48 -24.64 -1.75
C LYS B 287 -39.17 -23.12 -1.78
N CYS B 288 -37.93 -22.73 -1.42
CA CYS B 288 -37.50 -21.33 -1.36
C CYS B 288 -37.11 -20.74 -2.68
N PHE B 289 -36.55 -21.57 -3.55
CA PHE B 289 -36.14 -21.16 -4.88
C PHE B 289 -36.91 -22.08 -5.83
N PRO B 290 -38.22 -21.77 -6.09
CA PRO B 290 -39.04 -22.66 -6.92
C PRO B 290 -38.70 -22.60 -8.41
N ALA B 291 -37.89 -21.61 -8.82
CA ALA B 291 -37.46 -21.46 -10.20
C ALA B 291 -36.16 -22.27 -10.42
N ALA B 292 -35.74 -23.05 -9.38
CA ALA B 292 -34.51 -23.85 -9.28
C ALA B 292 -33.26 -22.95 -9.53
N ASN B 293 -33.34 -21.71 -9.00
CA ASN B 293 -32.33 -20.67 -9.11
C ASN B 293 -31.61 -20.42 -7.75
N ALA B 294 -31.35 -21.48 -6.96
CA ALA B 294 -30.75 -21.38 -5.63
C ALA B 294 -29.24 -21.15 -5.66
N PRO B 295 -28.76 -20.10 -4.99
CA PRO B 295 -27.32 -19.84 -4.93
C PRO B 295 -26.64 -21.06 -4.31
N GLY B 296 -25.54 -21.49 -4.90
CA GLY B 296 -24.83 -22.67 -4.47
C GLY B 296 -24.31 -22.60 -3.05
N GLU B 297 -23.87 -21.42 -2.64
CA GLU B 297 -23.34 -21.23 -1.30
C GLU B 297 -24.35 -21.55 -0.22
N ILE B 298 -25.61 -21.20 -0.42
CA ILE B 298 -26.63 -21.43 0.59
C ILE B 298 -26.80 -22.91 0.93
N ALA B 299 -26.88 -23.77 -0.08
CA ALA B 299 -27.03 -25.19 0.19
C ALA B 299 -25.77 -25.73 0.86
N LYS B 300 -24.62 -25.27 0.40
CA LYS B 300 -23.34 -25.68 0.94
C LYS B 300 -23.20 -25.24 2.40
N TYR B 301 -23.69 -24.05 2.70
CA TYR B 301 -23.65 -23.52 4.05
C TYR B 301 -24.57 -24.30 4.98
N MET B 302 -25.79 -24.54 4.53
CA MET B 302 -26.79 -25.25 5.32
C MET B 302 -26.34 -26.67 5.59
N GLU B 303 -25.77 -27.31 4.59
CA GLU B 303 -25.27 -28.67 4.74
C GLU B 303 -24.12 -28.69 5.74
N THR B 304 -23.26 -27.69 5.66
CA THR B 304 -22.14 -27.59 6.59
C THR B 304 -22.64 -27.33 8.00
N VAL B 305 -23.62 -26.44 8.15
CA VAL B 305 -24.19 -26.14 9.47
C VAL B 305 -24.90 -27.37 10.04
N LYS B 306 -25.54 -28.13 9.16
CA LYS B 306 -26.22 -29.35 9.51
C LYS B 306 -25.28 -30.38 10.12
N LEU B 307 -24.03 -30.46 9.68
CA LEU B 307 -23.06 -31.41 10.22
C LEU B 307 -22.55 -31.13 11.64
N LEU B 308 -22.86 -29.97 12.20
CA LEU B 308 -22.42 -29.60 13.53
C LEU B 308 -23.18 -30.28 14.64
N ASP B 309 -22.43 -30.80 15.62
CA ASP B 309 -22.97 -31.40 16.84
C ASP B 309 -23.26 -30.27 17.80
N TYR B 310 -24.02 -30.55 18.85
CA TYR B 310 -24.48 -29.56 19.81
C TYR B 310 -23.36 -28.77 20.45
N THR B 311 -22.28 -29.43 20.85
CA THR B 311 -21.18 -28.78 21.51
C THR B 311 -20.01 -28.42 20.58
N GLU B 312 -20.07 -28.91 19.36
CA GLU B 312 -19.01 -28.75 18.35
C GLU B 312 -18.62 -27.33 18.03
N LYS B 313 -17.30 -27.05 17.95
CA LYS B 313 -16.80 -25.74 17.55
C LYS B 313 -16.90 -25.63 16.02
N PRO B 314 -17.61 -24.63 15.49
CA PRO B 314 -17.64 -24.47 14.02
C PRO B 314 -16.27 -24.18 13.42
N LEU B 315 -16.04 -24.63 12.17
CA LEU B 315 -14.85 -24.26 11.42
C LEU B 315 -15.29 -23.03 10.66
N TYR B 316 -15.11 -21.87 11.28
CA TYR B 316 -15.51 -20.59 10.73
C TYR B 316 -14.87 -20.23 9.41
N GLU B 317 -13.59 -20.57 9.28
CA GLU B 317 -12.83 -20.31 8.05
C GLU B 317 -13.45 -21.01 6.86
N ASN B 318 -13.84 -22.29 7.02
CA ASN B 318 -14.51 -23.07 5.98
C ASN B 318 -15.88 -22.47 5.57
N LEU B 319 -16.61 -21.90 6.54
CA LEU B 319 -17.88 -21.20 6.30
C LEU B 319 -17.62 -19.91 5.56
N ARG B 320 -16.56 -19.19 5.93
CA ARG B 320 -16.14 -17.96 5.23
C ARG B 320 -15.75 -18.26 3.80
N ASP B 321 -15.00 -19.36 3.57
CA ASP B 321 -14.62 -19.83 2.23
C ASP B 321 -15.83 -20.09 1.34
N ILE B 322 -16.85 -20.75 1.88
CA ILE B 322 -18.08 -21.04 1.15
C ILE B 322 -18.72 -19.74 0.65
N LEU B 323 -18.85 -18.76 1.55
CA LEU B 323 -19.39 -17.45 1.21
C LEU B 323 -18.54 -16.70 0.22
N LEU B 324 -17.19 -16.82 0.33
CA LEU B 324 -16.22 -16.20 -0.58
C LEU B 324 -16.30 -16.78 -1.96
N GLN B 325 -16.66 -18.08 -2.11
CA GLN B 325 -16.82 -18.65 -3.44
C GLN B 325 -18.15 -18.22 -4.06
N GLY B 326 -19.08 -17.76 -3.23
CA GLY B 326 -20.34 -17.25 -3.70
C GLY B 326 -20.14 -15.90 -4.34
N LEU B 327 -19.18 -15.13 -3.82
CA LEU B 327 -18.87 -13.81 -4.35
C LEU B 327 -18.09 -13.96 -5.66
N LYS B 328 -17.18 -14.92 -5.68
CA LYS B 328 -16.39 -15.25 -6.88
C LYS B 328 -17.33 -15.62 -8.04
N ALA B 329 -18.37 -16.45 -7.77
CA ALA B 329 -19.38 -16.90 -8.73
C ALA B 329 -20.14 -15.75 -9.40
N ILE B 330 -20.41 -14.66 -8.66
CA ILE B 330 -21.10 -13.48 -9.16
C ILE B 330 -20.13 -12.41 -9.70
N GLY B 331 -18.86 -12.77 -9.86
CA GLY B 331 -17.84 -11.86 -10.38
C GLY B 331 -17.48 -10.71 -9.44
N SER B 332 -17.53 -10.98 -8.14
CA SER B 332 -17.23 -10.00 -7.09
C SER B 332 -16.11 -10.51 -6.13
N LYS B 333 -15.79 -9.68 -5.13
CA LYS B 333 -14.76 -9.95 -4.13
C LYS B 333 -15.21 -9.38 -2.77
N ASP B 334 -14.59 -9.83 -1.67
CA ASP B 334 -14.93 -9.26 -0.36
C ASP B 334 -14.19 -7.94 -0.18
N ASP B 335 -14.90 -6.85 -0.47
CA ASP B 335 -14.41 -5.47 -0.41
C ASP B 335 -15.15 -4.68 0.67
N GLY B 336 -15.98 -5.37 1.47
CA GLY B 336 -16.79 -4.81 2.54
C GLY B 336 -17.85 -3.82 2.08
N LYS B 337 -18.27 -3.92 0.81
CA LYS B 337 -19.28 -3.04 0.24
C LYS B 337 -20.66 -3.68 0.29
N LEU B 338 -21.52 -3.17 1.15
CA LEU B 338 -22.89 -3.65 1.22
C LEU B 338 -23.61 -2.73 0.27
N ASP B 339 -24.38 -3.28 -0.66
CA ASP B 339 -25.10 -2.43 -1.60
C ASP B 339 -26.42 -1.96 -1.00
N LEU B 340 -26.35 -1.02 -0.07
CA LEU B 340 -27.53 -0.49 0.59
C LEU B 340 -27.55 1.02 0.40
N GLU C 20 -14.90 5.05 -58.46
CA GLU C 20 -15.18 5.03 -57.03
C GLU C 20 -15.15 3.62 -56.48
N GLN C 21 -14.82 3.49 -55.21
CA GLN C 21 -14.75 2.20 -54.53
C GLN C 21 -16.09 1.48 -54.43
N PHE C 22 -17.15 2.22 -54.15
CA PHE C 22 -18.48 1.64 -53.99
C PHE C 22 -19.52 2.25 -54.91
N ALA C 23 -20.35 1.41 -55.49
CA ALA C 23 -21.42 1.92 -56.32
C ALA C 23 -22.47 2.47 -55.36
N VAL C 24 -23.15 3.55 -55.74
CA VAL C 24 -24.17 4.09 -54.87
C VAL C 24 -25.24 3.02 -54.80
N GLY C 25 -25.71 2.73 -53.59
CA GLY C 25 -26.70 1.69 -53.42
C GLY C 25 -26.14 0.28 -53.34
N GLU C 26 -24.83 0.15 -53.27
CA GLU C 26 -24.23 -1.18 -53.16
C GLU C 26 -24.50 -1.73 -51.75
N ILE C 27 -24.61 -3.05 -51.65
CA ILE C 27 -24.87 -3.70 -50.37
C ILE C 27 -23.63 -4.43 -49.91
N ILE C 28 -23.04 -3.92 -48.84
CA ILE C 28 -21.84 -4.49 -48.26
C ILE C 28 -22.17 -5.17 -46.94
N THR C 29 -21.46 -6.27 -46.64
CA THR C 29 -21.56 -7.03 -45.41
C THR C 29 -20.23 -6.89 -44.65
N ASP C 30 -20.30 -6.65 -43.35
CA ASP C 30 -19.08 -6.55 -42.57
C ASP C 30 -18.64 -7.92 -42.07
N MET C 31 -17.45 -7.99 -41.48
CA MET C 31 -16.89 -9.25 -41.01
C MET C 31 -17.76 -9.99 -39.95
N ALA C 32 -18.75 -9.31 -39.34
CA ALA C 32 -19.68 -9.88 -38.35
C ALA C 32 -21.02 -10.22 -39.00
N ALA C 33 -21.07 -10.18 -40.34
CA ALA C 33 -22.21 -10.49 -41.17
C ALA C 33 -23.40 -9.51 -41.00
N ALA C 34 -23.13 -8.25 -40.64
CA ALA C 34 -24.16 -7.20 -40.60
C ALA C 34 -24.24 -6.52 -42.00
N ALA C 35 -25.46 -6.36 -42.53
CA ALA C 35 -25.62 -5.75 -43.86
C ALA C 35 -25.83 -4.21 -43.87
N TRP C 36 -25.13 -3.55 -44.78
CA TRP C 36 -25.16 -2.10 -44.94
C TRP C 36 -25.31 -1.72 -46.40
N LYS C 37 -25.80 -0.51 -46.64
CA LYS C 37 -25.99 0.00 -47.99
C LYS C 37 -25.26 1.33 -48.18
N VAL C 38 -24.40 1.38 -49.18
CA VAL C 38 -23.59 2.56 -49.50
C VAL C 38 -24.37 3.68 -50.19
N GLY C 39 -24.02 4.92 -49.85
CA GLY C 39 -24.62 6.11 -50.42
C GLY C 39 -23.61 6.97 -51.14
N LEU C 40 -23.92 8.25 -51.27
CA LEU C 40 -23.07 9.20 -51.97
C LEU C 40 -21.74 9.46 -51.27
N PRO C 41 -20.69 9.65 -52.05
CA PRO C 41 -19.38 9.94 -51.49
C PRO C 41 -19.30 11.39 -50.99
N ILE C 42 -18.60 11.60 -49.88
CA ILE C 42 -18.45 12.93 -49.29
C ILE C 42 -16.96 13.27 -49.09
N PHE C 47 -9.81 14.34 -44.95
CA PHE C 47 -10.14 13.28 -44.02
C PHE C 47 -10.18 11.91 -44.70
N GLY C 48 -9.93 11.89 -46.00
CA GLY C 48 -9.90 10.66 -46.76
C GLY C 48 -11.10 10.34 -47.63
N CYS C 49 -11.22 9.07 -47.98
CA CYS C 49 -12.30 8.55 -48.83
C CYS C 49 -13.47 8.00 -48.01
N ILE C 50 -14.55 8.77 -47.97
CA ILE C 50 -15.73 8.46 -47.17
C ILE C 50 -17.05 8.56 -47.95
N TYR C 51 -17.93 7.58 -47.74
CA TYR C 51 -19.23 7.51 -48.36
C TYR C 51 -20.30 7.45 -47.28
N LEU C 52 -21.49 7.97 -47.56
CA LEU C 52 -22.61 7.94 -46.61
C LEU C 52 -23.13 6.50 -46.57
N ALA C 53 -23.50 5.97 -45.39
CA ALA C 53 -23.94 4.59 -45.23
C ALA C 53 -25.11 4.45 -44.28
N ASP C 54 -25.91 3.37 -44.40
CA ASP C 54 -27.03 3.03 -43.58
C ASP C 54 -27.20 1.52 -43.57
N MET C 55 -28.11 1.04 -42.73
CA MET C 55 -28.47 -0.38 -42.65
C MET C 55 -29.14 -0.76 -43.97
N ASN C 56 -28.99 -2.02 -44.37
CA ASN C 56 -29.60 -2.53 -45.58
C ASN C 56 -31.12 -2.54 -45.49
N SER C 57 -31.75 -2.11 -46.59
CA SER C 57 -33.19 -2.04 -46.75
C SER C 57 -33.56 -1.95 -48.24
N SER C 58 -34.85 -1.85 -48.55
CA SER C 58 -35.28 -1.74 -49.94
C SER C 58 -35.15 -0.29 -50.45
N GLU C 59 -35.18 0.69 -49.54
CA GLU C 59 -35.07 2.09 -49.92
C GLU C 59 -33.60 2.50 -50.13
N SER C 60 -33.39 3.73 -50.58
CA SER C 60 -32.04 4.23 -50.83
C SER C 60 -31.44 5.09 -49.71
N VAL C 61 -30.12 5.16 -49.65
CA VAL C 61 -29.42 5.96 -48.65
C VAL C 61 -29.77 7.42 -48.90
N GLY C 62 -30.25 8.10 -47.86
CA GLY C 62 -30.69 9.47 -48.02
C GLY C 62 -30.00 10.53 -47.19
N SER C 63 -30.64 11.70 -47.15
CA SER C 63 -30.15 12.86 -46.43
C SER C 63 -30.14 12.63 -44.92
N ASP C 64 -30.99 11.71 -44.47
CA ASP C 64 -31.06 11.38 -43.05
C ASP C 64 -30.20 10.17 -42.69
N ALA C 65 -29.15 9.93 -43.48
CA ALA C 65 -28.25 8.82 -43.23
C ALA C 65 -27.56 9.05 -41.90
N PRO C 66 -27.55 8.03 -41.05
CA PRO C 66 -26.94 8.17 -39.74
C PRO C 66 -25.51 7.67 -39.67
N CYS C 67 -25.03 7.05 -40.74
CA CYS C 67 -23.68 6.51 -40.79
C CYS C 67 -22.88 6.87 -42.02
N VAL C 68 -21.61 6.50 -41.98
CA VAL C 68 -20.68 6.71 -43.06
C VAL C 68 -19.70 5.55 -43.13
N VAL C 69 -19.17 5.29 -44.32
CA VAL C 69 -18.20 4.23 -44.47
C VAL C 69 -16.89 4.81 -45.01
N LYS C 70 -15.79 4.47 -44.36
CA LYS C 70 -14.48 4.96 -44.77
C LYS C 70 -13.69 3.80 -45.32
N VAL C 71 -13.11 3.98 -46.51
CA VAL C 71 -12.34 2.92 -47.17
C VAL C 71 -10.91 3.28 -47.46
N GLU C 72 -9.95 2.41 -47.09
CA GLU C 72 -8.52 2.58 -47.29
C GLU C 72 -7.88 1.23 -47.56
N PRO C 73 -6.70 1.22 -48.21
CA PRO C 73 -6.01 -0.03 -48.52
C PRO C 73 -5.70 -0.86 -47.27
N SER C 74 -5.78 -2.19 -47.37
CA SER C 74 -5.54 -3.03 -46.19
C SER C 74 -4.12 -2.86 -45.56
N ASP C 75 -3.18 -2.24 -46.28
CA ASP C 75 -1.82 -1.96 -45.82
C ASP C 75 -1.64 -0.58 -45.14
N ASN C 76 -2.72 0.20 -45.06
CA ASN C 76 -2.68 1.51 -44.43
C ASN C 76 -2.51 1.38 -42.93
N GLY C 77 -1.37 1.86 -42.42
CA GLY C 77 -1.09 1.80 -41.00
C GLY C 77 -1.99 2.58 -40.07
N PRO C 78 -2.33 3.81 -40.45
CA PRO C 78 -3.19 4.66 -39.64
C PRO C 78 -4.61 4.08 -39.48
N LEU C 79 -5.12 3.49 -40.55
CA LEU C 79 -6.45 2.90 -40.54
C LEU C 79 -6.47 1.76 -39.53
N PHE C 80 -5.41 0.97 -39.51
CA PHE C 80 -5.34 -0.14 -38.59
C PHE C 80 -5.33 0.33 -37.14
N THR C 81 -4.57 1.39 -36.87
CA THR C 81 -4.52 1.95 -35.53
C THR C 81 -5.86 2.50 -35.13
N GLU C 82 -6.51 3.18 -36.05
CA GLU C 82 -7.83 3.75 -35.82
C GLU C 82 -8.87 2.67 -35.60
N LEU C 83 -8.84 1.64 -36.44
CA LEU C 83 -9.76 0.52 -36.34
C LEU C 83 -9.58 -0.19 -35.01
N LYS C 84 -8.34 -0.37 -34.59
CA LYS C 84 -8.06 -1.03 -33.33
C LYS C 84 -8.61 -0.22 -32.17
N PHE C 85 -8.46 1.08 -32.20
CA PHE C 85 -8.99 1.90 -31.12
C PHE C 85 -10.50 1.82 -31.07
N TYR C 86 -11.15 1.90 -32.22
CA TYR C 86 -12.60 1.85 -32.30
C TYR C 86 -13.14 0.51 -31.86
N GLN C 87 -12.44 -0.56 -32.20
CA GLN C 87 -12.86 -1.90 -31.82
C GLN C 87 -12.76 -2.15 -30.32
N ARG C 88 -11.78 -1.55 -29.67
CA ARG C 88 -11.58 -1.73 -28.22
C ARG C 88 -12.35 -0.76 -27.35
N ALA C 89 -12.51 0.49 -27.81
CA ALA C 89 -13.04 1.56 -26.97
C ALA C 89 -14.32 2.21 -27.45
N ALA C 90 -14.74 1.98 -28.70
CA ALA C 90 -15.92 2.66 -29.23
C ALA C 90 -17.08 1.73 -29.56
N LYS C 91 -17.22 0.62 -28.83
CA LYS C 91 -18.36 -0.30 -29.09
C LYS C 91 -19.63 0.38 -28.63
N PRO C 92 -20.75 0.30 -29.37
CA PRO C 92 -21.96 1.03 -28.95
C PRO C 92 -22.44 0.79 -27.51
N GLU C 93 -22.45 -0.48 -27.03
CA GLU C 93 -22.94 -0.77 -25.70
C GLU C 93 -21.97 -0.33 -24.63
N GLN C 94 -20.67 -0.44 -24.91
CA GLN C 94 -19.56 0.00 -24.05
C GLN C 94 -19.66 1.51 -23.77
N ILE C 95 -19.95 2.32 -24.82
CA ILE C 95 -20.17 3.76 -24.70
C ILE C 95 -21.47 4.05 -23.92
N GLN C 96 -22.58 3.31 -24.23
CA GLN C 96 -23.85 3.50 -23.54
C GLN C 96 -23.78 3.21 -22.04
N LYS C 97 -23.03 2.14 -21.65
CA LYS C 97 -22.88 1.75 -20.26
C LYS C 97 -22.15 2.83 -19.49
N TRP C 98 -21.11 3.44 -20.10
CA TRP C 98 -20.34 4.55 -19.51
C TRP C 98 -21.21 5.80 -19.36
N ILE C 99 -22.07 6.09 -20.34
CA ILE C 99 -22.99 7.24 -20.31
C ILE C 99 -23.96 7.10 -19.11
N ARG C 100 -24.49 5.89 -18.88
CA ARG C 100 -25.42 5.60 -17.78
C ARG C 100 -24.74 5.69 -16.42
N THR C 101 -23.65 4.92 -16.21
CA THR C 101 -22.85 4.86 -15.00
C THR C 101 -22.28 6.22 -14.59
N ARG C 102 -21.78 7.00 -15.56
CA ARG C 102 -21.21 8.30 -15.22
C ARG C 102 -22.26 9.43 -15.28
N LYS C 103 -23.53 9.10 -15.61
CA LYS C 103 -24.64 10.06 -15.69
C LYS C 103 -24.34 11.26 -16.61
N LEU C 104 -23.90 10.94 -17.86
CA LEU C 104 -23.61 11.95 -18.88
C LEU C 104 -24.85 12.06 -19.75
N LYS C 105 -24.96 13.16 -20.51
CA LYS C 105 -26.07 13.34 -21.45
C LYS C 105 -25.71 12.52 -22.69
N TYR C 106 -24.45 12.63 -23.14
CA TYR C 106 -23.94 11.91 -24.30
C TYR C 106 -22.40 11.77 -24.09
N LEU C 107 -21.72 11.06 -24.99
CA LEU C 107 -20.28 10.92 -24.98
C LEU C 107 -19.79 11.15 -26.39
N GLY C 108 -18.84 12.08 -26.52
CA GLY C 108 -18.36 12.49 -27.82
C GLY C 108 -17.33 11.61 -28.45
N VAL C 109 -17.47 10.32 -28.19
CA VAL C 109 -16.62 9.31 -28.81
C VAL C 109 -17.50 8.69 -29.94
N PRO C 110 -17.11 8.75 -31.24
CA PRO C 110 -17.98 8.17 -32.29
C PRO C 110 -18.13 6.67 -32.11
N LYS C 111 -19.31 6.13 -32.39
CA LYS C 111 -19.54 4.71 -32.25
C LYS C 111 -19.08 3.90 -33.45
N TYR C 112 -18.46 2.76 -33.16
CA TYR C 112 -17.97 1.84 -34.18
C TYR C 112 -19.16 0.95 -34.53
N TRP C 113 -19.39 0.68 -35.81
CA TRP C 113 -20.53 -0.13 -36.19
C TRP C 113 -20.22 -1.37 -37.00
N GLY C 114 -18.99 -1.54 -37.45
CA GLY C 114 -18.68 -2.69 -38.25
C GLY C 114 -17.58 -2.36 -39.24
N SER C 115 -16.81 -3.39 -39.64
CA SER C 115 -15.66 -3.32 -40.53
C SER C 115 -15.52 -4.60 -41.35
N GLY C 116 -14.78 -4.51 -42.44
CA GLY C 116 -14.55 -5.66 -43.29
C GLY C 116 -13.61 -5.38 -44.45
N LEU C 117 -13.63 -6.27 -45.43
CA LEU C 117 -12.78 -6.14 -46.60
C LEU C 117 -13.59 -6.02 -47.89
N HIS C 118 -13.02 -5.34 -48.86
CA HIS C 118 -13.67 -5.15 -50.15
C HIS C 118 -12.61 -5.27 -51.23
N ASP C 119 -12.96 -5.97 -52.29
CA ASP C 119 -12.03 -6.21 -53.38
C ASP C 119 -12.37 -5.33 -54.57
N LYS C 120 -11.33 -4.71 -55.13
CA LYS C 120 -11.51 -3.88 -56.31
C LYS C 120 -10.18 -3.83 -57.05
N ASN C 121 -10.23 -3.78 -58.39
CA ASN C 121 -9.07 -3.73 -59.29
C ASN C 121 -7.89 -4.61 -58.81
N GLY C 122 -8.22 -5.82 -58.34
CA GLY C 122 -7.27 -6.80 -57.87
C GLY C 122 -6.47 -6.43 -56.63
N LYS C 123 -6.93 -5.42 -55.90
CA LYS C 123 -6.27 -4.97 -54.67
C LYS C 123 -7.19 -5.20 -53.47
N SER C 124 -6.63 -5.24 -52.26
CA SER C 124 -7.42 -5.47 -51.06
C SER C 124 -7.57 -4.20 -50.23
N TYR C 125 -8.80 -3.86 -49.90
CA TYR C 125 -9.11 -2.65 -49.14
C TYR C 125 -9.84 -2.98 -47.84
N ARG C 126 -9.81 -2.06 -46.88
CA ARG C 126 -10.49 -2.29 -45.62
C ARG C 126 -11.47 -1.15 -45.37
N PHE C 127 -12.69 -1.48 -44.96
CA PHE C 127 -13.67 -0.45 -44.71
C PHE C 127 -14.19 -0.51 -43.29
N MET C 128 -14.68 0.59 -42.78
CA MET C 128 -15.28 0.57 -41.46
C MET C 128 -16.48 1.52 -41.40
N ILE C 129 -17.55 1.08 -40.75
CA ILE C 129 -18.76 1.88 -40.65
C ILE C 129 -18.74 2.69 -39.37
N MET C 130 -19.00 3.99 -39.49
CA MET C 130 -18.95 4.91 -38.37
C MET C 130 -20.15 5.82 -38.31
N ASP C 131 -20.31 6.47 -37.16
CA ASP C 131 -21.38 7.41 -36.89
C ASP C 131 -21.21 8.58 -37.84
N ARG C 132 -22.29 9.09 -38.42
CA ARG C 132 -22.16 10.22 -39.33
C ARG C 132 -22.15 11.53 -38.56
N PHE C 133 -21.39 12.50 -39.06
CA PHE C 133 -21.30 13.79 -38.39
C PHE C 133 -21.57 14.97 -39.30
N GLY C 134 -21.84 16.12 -38.69
CA GLY C 134 -22.12 17.34 -39.42
C GLY C 134 -20.86 18.08 -39.80
N SER C 135 -20.78 19.35 -39.41
CA SER C 135 -19.60 20.14 -39.72
C SER C 135 -18.62 20.13 -38.56
N ASP C 136 -17.39 20.55 -38.83
CA ASP C 136 -16.38 20.60 -37.80
C ASP C 136 -16.39 21.97 -37.13
N LEU C 137 -15.76 22.06 -35.97
CA LEU C 137 -15.69 23.30 -35.24
C LEU C 137 -14.90 24.37 -35.96
N GLN C 138 -13.92 23.97 -36.75
CA GLN C 138 -13.08 24.94 -37.44
C GLN C 138 -13.87 25.80 -38.42
N LYS C 139 -14.79 25.18 -39.17
CA LYS C 139 -15.62 25.91 -40.12
C LYS C 139 -16.47 26.94 -39.40
N ILE C 140 -17.01 26.55 -38.26
CA ILE C 140 -17.85 27.42 -37.45
C ILE C 140 -17.02 28.51 -36.80
N TYR C 141 -15.79 28.16 -36.44
CA TYR C 141 -14.86 29.09 -35.84
C TYR C 141 -14.51 30.19 -36.84
N GLU C 142 -14.24 29.80 -38.08
CA GLU C 142 -13.91 30.74 -39.14
C GLU C 142 -15.08 31.67 -39.48
N ALA C 143 -16.28 31.08 -39.47
CA ALA C 143 -17.54 31.78 -39.73
C ALA C 143 -17.89 32.84 -38.68
N ASN C 144 -17.35 32.66 -37.47
CA ASN C 144 -17.61 33.54 -36.35
C ASN C 144 -16.47 34.53 -36.15
N ALA C 145 -15.66 34.67 -37.19
CA ALA C 145 -14.47 35.53 -37.19
C ALA C 145 -13.37 35.12 -36.24
N LYS C 146 -13.12 33.81 -36.21
CA LYS C 146 -12.09 33.19 -35.37
C LYS C 146 -12.24 33.50 -33.89
N ARG C 147 -13.47 33.49 -33.41
CA ARG C 147 -13.76 33.73 -32.00
C ARG C 147 -14.92 32.89 -31.49
N PHE C 148 -14.80 32.40 -30.28
CA PHE C 148 -15.84 31.67 -29.57
C PHE C 148 -16.01 32.37 -28.22
N SER C 149 -17.25 32.48 -27.73
CA SER C 149 -17.53 33.10 -26.44
C SER C 149 -16.99 32.24 -25.28
N ARG C 150 -16.74 32.87 -24.11
CA ARG C 150 -16.33 32.20 -22.87
C ARG C 150 -17.27 30.97 -22.59
N LYS C 151 -18.58 31.17 -22.76
CA LYS C 151 -19.65 30.19 -22.61
C LYS C 151 -19.43 28.94 -23.49
N THR C 152 -19.19 29.15 -24.77
CA THR C 152 -18.95 28.06 -25.70
C THR C 152 -17.69 27.28 -25.37
N VAL C 153 -16.58 27.98 -25.16
CA VAL C 153 -15.29 27.36 -24.84
C VAL C 153 -15.41 26.51 -23.56
N LEU C 154 -16.03 27.03 -22.47
CA LEU C 154 -16.23 26.26 -21.24
C LEU C 154 -17.14 25.04 -21.50
N GLN C 155 -18.19 25.23 -22.32
CA GLN C 155 -19.12 24.13 -22.66
C GLN C 155 -18.48 23.06 -23.56
N LEU C 156 -17.59 23.47 -24.49
CA LEU C 156 -16.85 22.54 -25.35
C LEU C 156 -15.86 21.75 -24.50
N SER C 157 -15.06 22.46 -23.68
CA SER C 157 -14.03 21.90 -22.79
C SER C 157 -14.56 20.91 -21.80
N LEU C 158 -15.75 21.16 -21.20
CA LEU C 158 -16.37 20.21 -20.27
C LEU C 158 -16.64 18.89 -20.96
N ARG C 159 -17.11 18.93 -22.23
CA ARG C 159 -17.39 17.72 -23.00
C ARG C 159 -16.12 17.06 -23.52
N ILE C 160 -15.09 17.87 -23.89
CA ILE C 160 -13.81 17.32 -24.32
C ILE C 160 -13.15 16.61 -23.13
N LEU C 161 -13.32 17.15 -21.91
CA LEU C 161 -12.81 16.52 -20.67
C LEU C 161 -13.51 15.18 -20.41
N ASP C 162 -14.82 15.08 -20.76
CA ASP C 162 -15.57 13.82 -20.64
C ASP C 162 -15.00 12.79 -21.64
N ILE C 163 -14.68 13.23 -22.86
CA ILE C 163 -14.07 12.36 -23.88
C ILE C 163 -12.66 11.91 -23.52
N LEU C 164 -11.86 12.85 -23.04
CA LEU C 164 -10.50 12.55 -22.64
C LEU C 164 -10.50 11.55 -21.51
N GLU C 165 -11.30 11.76 -20.46
CA GLU C 165 -11.35 10.82 -19.33
C GLU C 165 -11.70 9.42 -19.80
N TYR C 166 -12.69 9.31 -20.68
CA TYR C 166 -13.11 8.05 -21.25
C TYR C 166 -11.99 7.32 -22.01
N ILE C 167 -11.37 7.99 -22.97
CA ILE C 167 -10.28 7.37 -23.73
C ILE C 167 -9.05 7.06 -22.87
N HIS C 168 -8.70 7.93 -21.93
CA HIS C 168 -7.55 7.69 -21.04
C HIS C 168 -7.79 6.45 -20.20
N GLU C 169 -9.03 6.29 -19.72
CA GLU C 169 -9.48 5.13 -18.94
C GLU C 169 -9.44 3.83 -19.73
N HIS C 170 -9.61 3.94 -21.05
CA HIS C 170 -9.57 2.83 -21.98
C HIS C 170 -8.20 2.68 -22.65
N GLU C 171 -7.18 3.21 -21.98
CA GLU C 171 -5.75 3.12 -22.32
C GLU C 171 -5.24 3.90 -23.54
N TYR C 172 -5.96 4.92 -23.96
CA TYR C 172 -5.56 5.68 -25.14
C TYR C 172 -5.46 7.18 -24.95
N VAL C 173 -4.55 7.79 -25.68
CA VAL C 173 -4.41 9.24 -25.71
C VAL C 173 -4.56 9.65 -27.18
N HIS C 174 -5.16 10.81 -27.42
CA HIS C 174 -5.42 11.29 -28.76
C HIS C 174 -4.23 12.01 -29.37
N GLY C 175 -3.73 13.03 -28.67
CA GLY C 175 -2.57 13.79 -29.06
C GLY C 175 -2.75 14.83 -30.14
N ASP C 176 -3.96 14.94 -30.67
CA ASP C 176 -4.22 15.90 -31.74
C ASP C 176 -5.51 16.66 -31.62
N ILE C 177 -5.89 17.05 -30.41
CA ILE C 177 -7.12 17.80 -30.25
C ILE C 177 -6.99 19.15 -30.96
N LYS C 178 -8.02 19.50 -31.71
CA LYS C 178 -8.11 20.75 -32.47
C LYS C 178 -9.49 20.85 -33.06
N ALA C 179 -9.93 22.08 -33.34
CA ALA C 179 -11.26 22.38 -33.88
C ALA C 179 -11.58 21.55 -35.14
N SER C 180 -10.59 21.24 -35.95
CA SER C 180 -10.81 20.44 -37.15
C SER C 180 -11.09 18.96 -36.85
N ASN C 181 -10.73 18.51 -35.65
CA ASN C 181 -10.96 17.11 -35.18
C ASN C 181 -12.16 17.01 -34.27
N LEU C 182 -12.89 18.13 -34.14
CA LEU C 182 -14.13 18.24 -33.35
C LEU C 182 -15.26 18.50 -34.31
N LEU C 183 -16.18 17.54 -34.34
CA LEU C 183 -17.32 17.52 -35.26
C LEU C 183 -18.66 17.49 -34.55
N LEU C 184 -19.61 18.26 -35.05
CA LEU C 184 -20.95 18.33 -34.49
C LEU C 184 -21.86 17.21 -34.98
N ASN C 185 -22.75 16.77 -34.10
CA ASN C 185 -23.72 15.74 -34.43
C ASN C 185 -24.62 16.32 -35.52
N TYR C 186 -24.93 15.52 -36.55
CA TYR C 186 -25.77 16.02 -37.64
C TYR C 186 -27.18 16.41 -37.18
N LYS C 187 -27.74 15.61 -36.28
CA LYS C 187 -29.04 15.86 -35.67
C LYS C 187 -29.03 16.91 -34.56
N ASN C 188 -27.99 16.88 -33.73
CA ASN C 188 -27.88 17.77 -32.57
C ASN C 188 -26.72 18.77 -32.55
N PRO C 189 -27.05 20.05 -32.56
CA PRO C 189 -26.05 21.12 -32.57
C PRO C 189 -25.24 21.28 -31.28
N ASP C 190 -25.76 20.79 -30.16
CA ASP C 190 -25.03 20.88 -28.89
C ASP C 190 -24.12 19.70 -28.51
N GLN C 191 -24.01 18.70 -29.37
CA GLN C 191 -23.15 17.56 -29.07
C GLN C 191 -21.91 17.50 -29.97
N VAL C 192 -20.74 17.72 -29.36
CA VAL C 192 -19.47 17.72 -30.09
C VAL C 192 -18.74 16.36 -29.89
N TYR C 193 -18.12 15.86 -30.98
CA TYR C 193 -17.40 14.58 -31.05
C TYR C 193 -15.99 14.77 -31.52
N LEU C 194 -15.03 14.11 -30.86
CA LEU C 194 -13.62 14.10 -31.21
C LEU C 194 -13.36 12.87 -32.11
N VAL C 195 -12.83 13.13 -33.30
CA VAL C 195 -12.49 12.17 -34.33
C VAL C 195 -10.96 12.11 -34.57
N ASP C 196 -10.54 11.20 -35.49
CA ASP C 196 -9.15 10.96 -35.93
C ASP C 196 -8.33 10.23 -34.89
N TYR C 197 -8.32 8.91 -34.97
CA TYR C 197 -7.56 8.10 -34.01
C TYR C 197 -6.45 7.34 -34.71
N GLY C 198 -6.18 7.74 -35.96
CA GLY C 198 -5.17 7.18 -36.84
C GLY C 198 -3.77 7.19 -36.26
N LEU C 199 -3.49 8.21 -35.42
CA LEU C 199 -2.22 8.39 -34.69
C LEU C 199 -2.43 8.44 -33.16
N ALA C 200 -3.55 7.87 -32.65
CA ALA C 200 -3.85 7.74 -31.22
C ALA C 200 -2.78 6.82 -30.61
N TYR C 201 -2.47 7.01 -29.34
CA TYR C 201 -1.45 6.19 -28.72
C TYR C 201 -1.95 5.40 -27.54
N ARG C 202 -1.60 4.13 -27.50
CA ARG C 202 -1.97 3.28 -26.39
C ARG C 202 -0.89 3.41 -25.34
N TYR C 203 -1.02 4.45 -24.53
CA TYR C 203 -0.06 4.75 -23.50
C TYR C 203 0.00 3.75 -22.36
N CYS C 204 -1.11 3.01 -22.10
CA CYS C 204 -1.16 2.10 -20.99
C CYS C 204 -1.67 0.70 -21.33
N PRO C 205 -0.94 -0.04 -22.15
CA PRO C 205 -1.41 -1.39 -22.53
C PRO C 205 -1.46 -2.31 -21.32
N GLU C 206 -2.62 -2.90 -21.11
CA GLU C 206 -2.88 -3.82 -19.99
C GLU C 206 -2.60 -3.22 -18.61
N GLY C 207 -2.89 -1.94 -18.43
CA GLY C 207 -2.67 -1.26 -17.17
C GLY C 207 -1.24 -0.87 -16.86
N VAL C 208 -0.36 -1.00 -17.83
CA VAL C 208 1.05 -0.66 -17.63
C VAL C 208 1.47 0.59 -18.42
N HIS C 209 1.71 1.68 -17.71
CA HIS C 209 2.10 2.93 -18.34
C HIS C 209 3.45 2.86 -19.05
N LYS C 210 3.52 3.47 -20.23
CA LYS C 210 4.74 3.50 -21.02
C LYS C 210 5.76 4.41 -20.34
N ALA C 211 7.03 4.12 -20.59
CA ALA C 211 8.11 4.88 -19.99
C ALA C 211 8.29 6.22 -20.65
N TYR C 212 8.99 7.13 -19.98
CA TYR C 212 9.21 8.46 -20.51
C TYR C 212 10.32 8.40 -21.55
N ALA C 213 9.90 8.06 -22.76
CA ALA C 213 10.75 7.91 -23.91
C ALA C 213 9.93 7.91 -25.20
N ALA C 214 10.64 7.93 -26.30
CA ALA C 214 10.08 7.91 -27.66
C ALA C 214 9.37 6.60 -27.98
N ASP C 215 8.34 6.69 -28.82
CA ASP C 215 7.61 5.56 -29.34
C ASP C 215 8.37 5.10 -30.62
N PRO C 216 8.95 3.87 -30.67
CA PRO C 216 9.72 3.47 -31.86
C PRO C 216 8.91 3.16 -33.13
N LYS C 217 7.62 2.79 -32.96
CA LYS C 217 6.71 2.41 -34.06
C LYS C 217 6.15 3.58 -34.88
N ARG C 218 5.83 4.73 -34.23
CA ARG C 218 5.27 5.90 -34.92
C ARG C 218 5.70 7.23 -34.28
N CYS C 219 5.57 8.31 -35.04
CA CYS C 219 5.93 9.63 -34.57
C CYS C 219 4.69 10.46 -34.39
N HIS C 220 4.22 10.56 -33.15
CA HIS C 220 3.02 11.34 -32.86
C HIS C 220 3.35 12.81 -32.62
N ASP C 221 3.79 13.50 -33.66
CA ASP C 221 4.14 14.91 -33.56
C ASP C 221 2.94 15.78 -33.23
N GLY C 222 1.80 15.48 -33.84
CA GLY C 222 0.60 16.26 -33.64
C GLY C 222 0.59 17.47 -34.55
N THR C 223 -0.11 18.51 -34.13
CA THR C 223 -0.20 19.78 -34.88
C THR C 223 0.71 20.76 -34.14
N ILE C 224 1.71 21.33 -34.82
CA ILE C 224 2.77 22.16 -34.20
C ILE C 224 2.22 23.26 -33.23
N GLU C 225 1.21 24.07 -33.62
CA GLU C 225 0.71 25.14 -32.74
C GLU C 225 0.04 24.65 -31.43
N PHE C 226 -0.50 23.43 -31.43
CA PHE C 226 -1.22 22.91 -30.29
C PHE C 226 -0.55 21.80 -29.52
N THR C 227 0.43 21.15 -30.11
CA THR C 227 1.11 20.03 -29.49
C THR C 227 1.73 20.27 -28.12
N SER C 228 1.83 19.19 -27.36
CA SER C 228 2.35 19.24 -26.01
C SER C 228 3.86 19.39 -25.98
N ILE C 229 4.39 19.90 -24.86
CA ILE C 229 5.84 20.02 -24.61
C ILE C 229 6.50 18.62 -24.72
N ASP C 230 5.85 17.57 -24.17
CA ASP C 230 6.29 16.17 -24.24
C ASP C 230 6.49 15.73 -25.71
N ALA C 231 5.49 15.99 -26.59
CA ALA C 231 5.62 15.67 -28.01
C ALA C 231 6.75 16.47 -28.66
N HIS C 232 6.89 17.78 -28.30
CA HIS C 232 8.03 18.58 -28.78
C HIS C 232 9.37 17.95 -28.33
N ASN C 233 9.41 17.32 -27.13
CA ASN C 233 10.63 16.69 -26.61
C ASN C 233 10.92 15.30 -27.24
N GLY C 234 10.07 14.86 -28.15
CA GLY C 234 10.26 13.60 -28.84
C GLY C 234 9.91 12.39 -28.00
N VAL C 235 9.00 12.58 -27.03
CA VAL C 235 8.54 11.57 -26.09
C VAL C 235 7.11 11.13 -26.49
N ALA C 236 6.75 9.86 -26.21
CA ALA C 236 5.40 9.32 -26.52
C ALA C 236 4.35 10.16 -25.76
N PRO C 237 3.19 10.42 -26.38
CA PRO C 237 2.18 11.23 -25.69
C PRO C 237 1.58 10.52 -24.47
N SER C 238 1.18 11.31 -23.47
CA SER C 238 0.56 10.80 -22.27
C SER C 238 -0.69 11.62 -21.92
N ARG C 239 -1.29 11.34 -20.79
CA ARG C 239 -2.51 12.04 -20.39
C ARG C 239 -2.37 13.54 -20.17
N ARG C 240 -1.28 13.97 -19.56
CA ARG C 240 -1.06 15.38 -19.31
C ARG C 240 -0.98 16.18 -20.60
N GLY C 241 -0.34 15.61 -21.61
CA GLY C 241 -0.19 16.27 -22.89
C GLY C 241 -1.53 16.56 -23.54
N ASP C 242 -2.47 15.63 -23.41
CA ASP C 242 -3.81 15.80 -23.98
C ASP C 242 -4.52 16.98 -23.32
N LEU C 243 -4.34 17.11 -22.02
CA LEU C 243 -4.95 18.19 -21.28
C LEU C 243 -4.26 19.49 -21.62
N GLU C 244 -2.95 19.43 -21.81
CA GLU C 244 -2.15 20.59 -22.19
C GLU C 244 -2.60 21.15 -23.57
N ILE C 245 -2.79 20.27 -24.57
CA ILE C 245 -3.32 20.60 -25.92
C ILE C 245 -4.69 21.30 -25.82
N LEU C 246 -5.56 20.83 -24.91
CA LEU C 246 -6.87 21.43 -24.69
C LEU C 246 -6.75 22.87 -24.15
N GLY C 247 -5.74 23.11 -23.31
CA GLY C 247 -5.44 24.43 -22.77
C GLY C 247 -5.10 25.44 -23.84
N TYR C 248 -4.21 25.05 -24.79
CA TYR C 248 -3.81 25.88 -25.94
C TYR C 248 -5.01 26.16 -26.87
N CYS C 249 -5.88 25.12 -27.10
CA CYS C 249 -7.10 25.21 -27.90
C CYS C 249 -8.04 26.26 -27.30
N MET C 250 -8.22 26.27 -25.97
CA MET C 250 -9.09 27.21 -25.26
C MET C 250 -8.63 28.65 -25.45
N ILE C 251 -7.33 28.91 -25.31
CA ILE C 251 -6.77 30.26 -25.52
C ILE C 251 -7.00 30.72 -26.98
N GLN C 252 -6.72 29.83 -27.92
CA GLN C 252 -6.90 30.11 -29.33
C GLN C 252 -8.35 30.35 -29.72
N TRP C 253 -9.28 29.60 -29.15
CA TRP C 253 -10.70 29.77 -29.41
C TRP C 253 -11.22 31.08 -28.87
N LEU C 254 -10.75 31.45 -27.67
CA LEU C 254 -11.15 32.68 -27.00
C LEU C 254 -10.59 33.95 -27.58
N THR C 255 -9.33 33.94 -27.98
CA THR C 255 -8.71 35.16 -28.45
C THR C 255 -8.42 35.22 -29.93
N GLY C 256 -8.44 34.07 -30.58
CA GLY C 256 -8.14 33.98 -32.00
C GLY C 256 -6.67 33.79 -32.29
N HIS C 257 -5.83 33.85 -31.26
CA HIS C 257 -4.39 33.79 -31.39
C HIS C 257 -3.65 32.96 -30.36
N LEU C 258 -2.40 32.68 -30.69
CA LEU C 258 -1.45 31.98 -29.84
C LEU C 258 -0.12 32.73 -29.98
N PRO C 259 0.62 32.84 -28.89
CA PRO C 259 1.88 33.59 -28.93
C PRO C 259 2.92 33.10 -29.92
N TRP C 260 2.90 31.80 -30.24
CA TRP C 260 3.88 31.21 -31.16
C TRP C 260 3.40 31.03 -32.59
N GLU C 261 2.24 31.58 -32.92
CA GLU C 261 1.67 31.45 -34.26
C GLU C 261 2.50 32.07 -35.40
N ASP C 262 3.27 33.10 -35.09
CA ASP C 262 4.10 33.78 -36.05
C ASP C 262 5.16 32.88 -36.68
N ASN C 263 5.74 31.97 -35.91
CA ASN C 263 6.78 31.11 -36.45
C ASN C 263 6.59 29.60 -36.25
N LEU C 264 5.60 29.05 -36.93
CA LEU C 264 5.32 27.62 -36.87
C LEU C 264 6.39 26.80 -37.58
N LYS C 265 7.07 27.42 -38.53
CA LYS C 265 8.10 26.76 -39.33
C LYS C 265 9.43 26.60 -38.54
N ASP C 266 9.42 26.97 -37.23
CA ASP C 266 10.55 26.88 -36.29
C ASP C 266 10.08 26.16 -35.00
N PRO C 267 10.11 24.80 -34.96
CA PRO C 267 9.61 24.08 -33.77
C PRO C 267 10.37 24.36 -32.48
N LYS C 268 11.67 24.63 -32.55
CA LYS C 268 12.45 24.90 -31.35
C LYS C 268 11.95 26.15 -30.63
N TYR C 269 11.44 27.11 -31.40
CA TYR C 269 10.96 28.36 -30.87
C TYR C 269 9.59 28.14 -30.25
N VAL C 270 8.81 27.30 -30.91
CA VAL C 270 7.46 26.93 -30.45
C VAL C 270 7.55 26.24 -29.08
N ARG C 271 8.52 25.31 -28.94
CA ARG C 271 8.77 24.59 -27.69
C ARG C 271 9.31 25.54 -26.64
N ASP C 272 10.31 26.36 -27.00
CA ASP C 272 10.87 27.36 -26.08
C ASP C 272 9.79 28.26 -25.51
N SER C 273 8.86 28.77 -26.37
CA SER C 273 7.74 29.61 -25.93
C SER C 273 6.82 28.83 -25.01
N LYS C 274 6.51 27.57 -25.36
CA LYS C 274 5.63 26.75 -24.55
C LYS C 274 6.21 26.47 -23.17
N ILE C 275 7.52 26.20 -23.11
CA ILE C 275 8.24 25.95 -21.86
C ILE C 275 8.24 27.20 -21.00
N ARG C 276 8.58 28.37 -21.57
CA ARG C 276 8.62 29.64 -20.88
C ARG C 276 7.25 29.99 -20.28
N TYR C 277 6.21 29.87 -21.09
CA TYR C 277 4.85 30.17 -20.68
C TYR C 277 4.27 29.18 -19.69
N ARG C 278 4.82 27.96 -19.60
CA ARG C 278 4.40 26.96 -18.61
C ARG C 278 5.00 27.34 -17.23
N GLU C 279 6.29 27.79 -17.21
CA GLU C 279 6.96 28.22 -15.99
C GLU C 279 6.34 29.48 -15.38
N ASN C 280 5.68 30.27 -16.24
CA ASN C 280 5.01 31.51 -15.89
C ASN C 280 3.66 31.61 -16.61
N ILE C 281 2.62 31.04 -16.02
CA ILE C 281 1.26 31.05 -16.61
C ILE C 281 0.67 32.49 -16.57
N ALA C 282 1.02 33.30 -15.53
CA ALA C 282 0.60 34.70 -15.42
C ALA C 282 1.07 35.53 -16.65
N SER C 283 2.27 35.24 -17.20
CA SER C 283 2.77 35.96 -18.37
C SER C 283 2.08 35.50 -19.63
N LEU C 284 1.69 34.21 -19.67
CA LEU C 284 0.93 33.69 -20.81
C LEU C 284 -0.44 34.37 -20.84
N MET C 285 -1.07 34.52 -19.65
CA MET C 285 -2.36 35.20 -19.53
C MET C 285 -2.26 36.67 -19.95
N ASP C 286 -1.14 37.35 -19.62
CA ASP C 286 -0.90 38.74 -20.01
C ASP C 286 -0.69 38.91 -21.51
N LYS C 287 0.00 37.95 -22.15
CA LYS C 287 0.31 37.95 -23.57
C LYS C 287 -0.93 37.67 -24.46
N CYS C 288 -1.73 36.69 -24.08
CA CYS C 288 -2.88 36.24 -24.88
C CYS C 288 -4.12 37.08 -24.77
N PHE C 289 -4.38 37.64 -23.61
CA PHE C 289 -5.60 38.39 -23.38
C PHE C 289 -5.36 39.89 -23.21
N PRO C 290 -6.31 40.72 -23.62
CA PRO C 290 -6.23 42.16 -23.35
C PRO C 290 -6.43 42.37 -21.84
N ALA C 291 -5.91 43.44 -21.27
CA ALA C 291 -6.01 43.61 -19.84
C ALA C 291 -7.45 43.53 -19.35
N ALA C 292 -7.59 42.81 -18.25
CA ALA C 292 -8.84 42.50 -17.52
C ALA C 292 -9.75 41.47 -18.22
N ASN C 293 -9.30 40.93 -19.36
CA ASN C 293 -10.07 39.92 -20.08
C ASN C 293 -9.65 38.49 -19.80
N ALA C 294 -8.60 38.28 -19.01
CA ALA C 294 -8.13 36.92 -18.76
C ALA C 294 -8.99 36.19 -17.75
N PRO C 295 -9.48 35.02 -18.15
CA PRO C 295 -10.32 34.21 -17.29
C PRO C 295 -9.50 33.45 -16.27
N GLY C 296 -9.93 33.50 -15.02
CA GLY C 296 -9.22 32.80 -13.94
C GLY C 296 -9.20 31.29 -14.09
N GLU C 297 -10.28 30.72 -14.65
CA GLU C 297 -10.41 29.27 -14.83
C GLU C 297 -9.37 28.70 -15.79
N ILE C 298 -8.98 29.44 -16.83
CA ILE C 298 -7.93 29.00 -17.77
C ILE C 298 -6.57 28.91 -17.08
N ALA C 299 -6.19 29.95 -16.32
CA ALA C 299 -4.92 29.96 -15.59
C ALA C 299 -4.94 28.85 -14.53
N LYS C 300 -6.06 28.69 -13.77
CA LYS C 300 -6.21 27.65 -12.75
C LYS C 300 -6.14 26.24 -13.36
N TYR C 301 -6.82 26.04 -14.51
CA TYR C 301 -6.80 24.81 -15.28
C TYR C 301 -5.32 24.48 -15.63
N MET C 302 -4.60 25.44 -16.24
CA MET C 302 -3.20 25.31 -16.65
C MET C 302 -2.24 25.07 -15.49
N GLU C 303 -2.51 25.67 -14.34
CA GLU C 303 -1.67 25.46 -13.18
C GLU C 303 -1.84 24.04 -12.65
N THR C 304 -3.07 23.53 -12.71
CA THR C 304 -3.39 22.17 -12.27
C THR C 304 -2.70 21.13 -13.17
N VAL C 305 -2.74 21.35 -14.50
CA VAL C 305 -2.13 20.47 -15.51
C VAL C 305 -0.60 20.47 -15.36
N LYS C 306 -0.01 21.64 -15.07
CA LYS C 306 1.44 21.83 -14.84
C LYS C 306 1.98 20.94 -13.69
N LEU C 307 1.13 20.64 -12.71
CA LEU C 307 1.48 19.82 -11.55
C LEU C 307 1.44 18.33 -11.83
N LEU C 308 1.07 17.92 -13.04
CA LEU C 308 1.02 16.49 -13.42
C LEU C 308 2.37 15.92 -13.86
N ASP C 309 2.72 14.78 -13.30
CA ASP C 309 3.89 14.01 -13.71
C ASP C 309 3.49 13.26 -14.98
N TYR C 310 4.50 12.81 -15.72
CA TYR C 310 4.30 12.13 -16.98
C TYR C 310 3.32 10.97 -16.95
N THR C 311 3.41 10.13 -15.93
CA THR C 311 2.55 8.97 -15.79
C THR C 311 1.41 9.16 -14.83
N GLU C 312 1.24 10.38 -14.32
CA GLU C 312 0.19 10.67 -13.37
C GLU C 312 -1.23 10.70 -13.96
N LYS C 313 -2.18 10.10 -13.22
CA LYS C 313 -3.59 10.08 -13.55
C LYS C 313 -4.20 11.43 -13.15
N PRO C 314 -4.74 12.20 -14.13
CA PRO C 314 -5.40 13.48 -13.78
C PRO C 314 -6.65 13.29 -12.91
N LEU C 315 -7.04 14.34 -12.19
CA LEU C 315 -8.30 14.36 -11.43
C LEU C 315 -9.27 15.18 -12.30
N TYR C 316 -9.94 14.47 -13.19
CA TYR C 316 -10.85 15.04 -14.18
C TYR C 316 -11.99 15.84 -13.59
N GLU C 317 -12.63 15.28 -12.58
CA GLU C 317 -13.72 15.98 -11.93
C GLU C 317 -13.27 17.32 -11.40
N ASN C 318 -12.06 17.37 -10.81
CA ASN C 318 -11.42 18.59 -10.31
C ASN C 318 -11.19 19.61 -11.42
N LEU C 319 -10.82 19.13 -12.63
CA LEU C 319 -10.59 20.00 -13.79
C LEU C 319 -11.92 20.55 -14.33
N ARG C 320 -12.95 19.70 -14.36
CA ARG C 320 -14.31 20.07 -14.75
C ARG C 320 -14.86 21.11 -13.74
N ASP C 321 -14.63 20.91 -12.43
CA ASP C 321 -15.03 21.83 -11.34
C ASP C 321 -14.38 23.21 -11.52
N ILE C 322 -13.09 23.26 -11.95
CA ILE C 322 -12.36 24.51 -12.23
C ILE C 322 -13.11 25.30 -13.32
N LEU C 323 -13.55 24.60 -14.38
CA LEU C 323 -14.28 25.16 -15.52
C LEU C 323 -15.69 25.62 -15.15
N LEU C 324 -16.37 24.89 -14.22
CA LEU C 324 -17.72 25.26 -13.75
C LEU C 324 -17.70 26.62 -13.02
N GLN C 325 -16.55 26.98 -12.41
CA GLN C 325 -16.35 28.28 -11.74
C GLN C 325 -16.34 29.40 -12.76
N GLY C 326 -15.91 29.09 -13.99
CA GLY C 326 -15.89 30.00 -15.11
C GLY C 326 -17.29 30.35 -15.57
N LEU C 327 -18.18 29.33 -15.64
CA LEU C 327 -19.60 29.48 -16.00
C LEU C 327 -20.36 30.20 -14.90
N LYS C 328 -20.03 29.90 -13.62
CA LYS C 328 -20.60 30.54 -12.43
C LYS C 328 -20.17 32.03 -12.38
N ALA C 329 -18.98 32.36 -12.93
CA ALA C 329 -18.48 33.75 -13.00
C ALA C 329 -19.27 34.57 -14.04
N ILE C 330 -19.85 33.89 -15.06
CA ILE C 330 -20.61 34.54 -16.14
C ILE C 330 -22.13 34.35 -15.96
N GLY C 331 -22.54 33.93 -14.75
CA GLY C 331 -23.94 33.74 -14.37
C GLY C 331 -24.65 32.55 -14.99
N SER C 332 -23.89 31.67 -15.64
CA SER C 332 -24.42 30.48 -16.30
C SER C 332 -24.27 29.23 -15.43
N LYS C 333 -24.75 28.11 -15.95
CA LYS C 333 -24.71 26.77 -15.37
C LYS C 333 -24.24 25.83 -16.48
N ASP C 334 -23.93 24.56 -16.13
CA ASP C 334 -23.60 23.58 -17.16
C ASP C 334 -24.92 22.98 -17.59
N ASP C 335 -25.49 23.54 -18.66
CA ASP C 335 -26.77 23.12 -19.25
C ASP C 335 -26.55 22.40 -20.61
N GLY C 336 -25.29 22.24 -21.00
CA GLY C 336 -24.90 21.59 -22.25
C GLY C 336 -25.20 22.40 -23.49
N LYS C 337 -25.34 23.70 -23.32
CA LYS C 337 -25.63 24.58 -24.44
C LYS C 337 -24.35 25.10 -25.05
N LEU C 338 -24.06 24.67 -26.27
CA LEU C 338 -22.85 25.07 -26.95
C LEU C 338 -22.93 26.50 -27.47
N ASP C 339 -24.14 26.99 -27.68
CA ASP C 339 -24.40 28.35 -28.17
C ASP C 339 -23.69 28.65 -29.49
N LEU C 340 -23.71 27.69 -30.39
CA LEU C 340 -23.08 27.84 -31.69
C LEU C 340 -24.05 28.46 -32.69
N VAL D 38 -2.39 25.66 28.69
CA VAL D 38 -1.07 25.87 29.25
C VAL D 38 -0.61 24.64 30.04
N GLY D 39 -0.18 23.60 29.35
CA GLY D 39 0.27 22.39 30.00
C GLY D 39 1.70 22.40 30.51
N LEU D 40 2.32 21.22 30.50
CA LEU D 40 3.68 21.05 30.96
C LEU D 40 4.70 21.77 30.09
N PRO D 41 5.72 22.36 30.71
CA PRO D 41 6.75 23.09 29.98
C PRO D 41 7.48 22.20 28.98
N CYS D 49 10.86 30.34 25.47
CA CYS D 49 10.25 29.51 26.49
C CYS D 49 9.07 28.74 25.93
N ILE D 50 9.21 27.43 25.82
CA ILE D 50 8.15 26.60 25.25
C ILE D 50 7.49 25.65 26.25
N TYR D 51 6.15 25.68 26.25
CA TYR D 51 5.33 24.84 27.11
C TYR D 51 4.23 24.16 26.27
N LEU D 52 3.74 23.00 26.73
CA LEU D 52 2.67 22.28 26.02
C LEU D 52 1.35 23.04 26.20
N ALA D 53 0.45 23.05 25.17
CA ALA D 53 -0.84 23.73 25.12
C ALA D 53 -1.89 23.02 24.27
N ASP D 54 -3.15 23.03 24.75
CA ASP D 54 -4.35 22.45 24.13
C ASP D 54 -5.62 23.26 24.46
N VAL D 68 1.83 23.12 21.82
CA VAL D 68 2.86 23.90 22.49
C VAL D 68 2.61 25.39 22.39
N VAL D 69 3.30 26.17 23.23
CA VAL D 69 3.17 27.62 23.28
C VAL D 69 4.53 28.28 23.47
N LYS D 70 4.83 29.30 22.68
CA LYS D 70 6.13 29.95 22.75
C LYS D 70 6.08 31.43 23.16
N VAL D 71 6.94 31.79 24.11
CA VAL D 71 7.04 33.16 24.63
C VAL D 71 8.37 33.83 24.24
N GLY D 77 11.68 43.42 17.40
CA GLY D 77 11.92 43.31 15.96
C GLY D 77 11.68 41.92 15.38
N PRO D 78 12.63 40.95 15.57
CA PRO D 78 12.43 39.59 15.00
C PRO D 78 11.06 38.91 15.25
N LEU D 79 10.49 39.00 16.47
CA LEU D 79 9.20 38.36 16.76
C LEU D 79 8.02 38.98 15.98
N PHE D 80 8.07 40.29 15.67
CA PHE D 80 7.05 41.01 14.89
C PHE D 80 7.15 40.57 13.44
N THR D 81 8.39 40.41 12.95
CA THR D 81 8.77 39.95 11.64
C THR D 81 8.26 38.51 11.51
N GLU D 82 8.46 37.72 12.56
CA GLU D 82 8.05 36.34 12.60
C GLU D 82 6.55 36.20 12.65
N LEU D 83 5.91 37.04 13.45
CA LEU D 83 4.47 36.99 13.58
C LEU D 83 3.80 37.29 12.26
N LYS D 84 4.33 38.28 11.54
CA LYS D 84 3.78 38.66 10.26
C LYS D 84 3.90 37.53 9.27
N PHE D 85 5.03 36.83 9.28
CA PHE D 85 5.23 35.73 8.35
C PHE D 85 4.23 34.60 8.56
N TYR D 86 4.02 34.24 9.82
CA TYR D 86 3.11 33.15 10.15
C TYR D 86 1.66 33.48 9.81
N GLN D 87 1.29 34.74 9.93
CA GLN D 87 -0.05 35.19 9.59
C GLN D 87 -0.26 35.33 8.09
N ARG D 88 0.76 35.78 7.38
CA ARG D 88 0.66 35.99 5.92
C ARG D 88 0.82 34.69 5.11
N ALA D 89 1.67 33.77 5.57
CA ALA D 89 2.04 32.57 4.83
C ALA D 89 1.91 31.26 5.55
N ALA D 90 1.66 31.25 6.86
CA ALA D 90 1.61 29.96 7.55
C ALA D 90 0.30 29.58 8.21
N LYS D 91 -0.80 30.05 7.64
CA LYS D 91 -2.13 29.75 8.15
C LYS D 91 -2.40 28.25 7.82
N PRO D 92 -2.99 27.46 8.75
CA PRO D 92 -3.23 26.03 8.45
C PRO D 92 -3.83 25.71 7.07
N GLU D 93 -4.75 26.59 6.60
CA GLU D 93 -5.50 26.47 5.35
C GLU D 93 -4.60 26.63 4.11
N GLN D 94 -3.71 27.65 4.09
CA GLN D 94 -2.76 27.89 2.99
C GLN D 94 -1.85 26.67 2.81
N ILE D 95 -1.34 26.14 3.94
CA ILE D 95 -0.43 25.01 4.06
C ILE D 95 -1.07 23.74 3.55
N GLN D 96 -2.31 23.47 3.98
CA GLN D 96 -3.06 22.28 3.56
C GLN D 96 -3.45 22.31 2.08
N LYS D 97 -3.73 23.50 1.51
CA LYS D 97 -4.04 23.62 0.07
C LYS D 97 -2.79 23.21 -0.75
N TRP D 98 -1.60 23.64 -0.29
CA TRP D 98 -0.30 23.33 -0.91
C TRP D 98 0.01 21.83 -0.81
N ILE D 99 -0.13 21.23 0.40
CA ILE D 99 0.10 19.79 0.65
C ILE D 99 -0.71 18.98 -0.34
N ARG D 100 -1.99 19.35 -0.50
CA ARG D 100 -2.97 18.76 -1.38
C ARG D 100 -2.64 18.91 -2.89
N THR D 101 -2.32 20.15 -3.36
CA THR D 101 -2.04 20.43 -4.78
C THR D 101 -0.71 19.89 -5.21
N ARG D 102 0.29 19.91 -4.32
CA ARG D 102 1.66 19.43 -4.60
C ARG D 102 1.83 17.95 -4.29
N LYS D 103 0.75 17.29 -3.81
CA LYS D 103 0.65 15.87 -3.50
C LYS D 103 1.74 15.45 -2.51
N LEU D 104 1.98 16.28 -1.49
CA LEU D 104 3.03 16.04 -0.47
C LEU D 104 2.54 15.20 0.68
N LYS D 105 3.48 14.53 1.37
CA LYS D 105 3.22 13.72 2.55
C LYS D 105 2.98 14.67 3.72
N TYR D 106 3.76 15.76 3.77
CA TYR D 106 3.63 16.81 4.77
C TYR D 106 4.36 18.02 4.22
N LEU D 107 4.33 19.13 4.93
CA LEU D 107 5.07 20.34 4.61
C LEU D 107 5.66 20.86 5.93
N GLY D 108 6.97 20.93 6.00
CA GLY D 108 7.70 21.37 7.18
C GLY D 108 7.69 22.85 7.53
N VAL D 109 6.50 23.48 7.45
CA VAL D 109 6.29 24.86 7.86
C VAL D 109 5.42 24.72 9.11
N PRO D 110 5.83 25.22 10.26
CA PRO D 110 5.03 25.06 11.47
C PRO D 110 3.71 25.81 11.38
N LYS D 111 2.63 25.20 11.84
CA LYS D 111 1.34 25.85 11.79
C LYS D 111 1.21 26.80 12.96
N TYR D 112 0.69 27.99 12.70
CA TYR D 112 0.51 28.99 13.73
C TYR D 112 -0.98 29.08 14.02
N TRP D 113 -1.34 28.84 15.27
CA TRP D 113 -2.75 28.87 15.65
C TRP D 113 -3.23 30.14 16.35
N GLY D 114 -2.37 30.78 17.12
CA GLY D 114 -2.75 31.99 17.83
C GLY D 114 -1.60 32.84 18.31
N SER D 115 -1.88 34.08 18.66
CA SER D 115 -0.84 34.98 19.13
C SER D 115 -1.29 35.89 20.27
N GLY D 116 -0.55 36.98 20.48
CA GLY D 116 -0.84 37.94 21.52
C GLY D 116 0.34 38.85 21.80
N PHE D 127 3.35 36.43 22.98
CA PHE D 127 3.48 34.99 22.77
C PHE D 127 2.90 34.55 21.43
N MET D 128 2.96 33.24 21.17
CA MET D 128 2.46 32.64 19.95
C MET D 128 2.11 31.18 20.18
N ILE D 129 1.05 30.70 19.56
CA ILE D 129 0.65 29.31 19.72
C ILE D 129 1.07 28.56 18.46
N MET D 130 1.90 27.54 18.65
CA MET D 130 2.48 26.78 17.55
C MET D 130 2.40 25.27 17.72
N ASP D 131 2.72 24.57 16.64
CA ASP D 131 2.78 23.12 16.62
C ASP D 131 3.87 22.61 17.55
N ARG D 132 3.67 21.42 18.09
CA ARG D 132 4.65 20.86 19.02
C ARG D 132 5.75 20.10 18.25
N PHE D 133 6.99 20.34 18.65
CA PHE D 133 8.12 19.70 18.01
C PHE D 133 9.05 18.98 18.97
N GLY D 134 9.83 18.08 18.38
CA GLY D 134 10.82 17.30 19.07
C GLY D 134 12.16 18.00 19.03
N SER D 135 13.22 17.25 19.20
CA SER D 135 14.56 17.79 19.20
C SER D 135 15.00 18.38 17.87
N ASP D 136 15.89 19.35 17.93
CA ASP D 136 16.44 19.95 16.73
C ASP D 136 17.49 19.03 16.12
N LEU D 137 17.78 19.26 14.85
CA LEU D 137 18.74 18.49 14.09
C LEU D 137 20.16 18.58 14.64
N GLN D 138 20.52 19.73 15.18
CA GLN D 138 21.85 19.95 15.70
C GLN D 138 22.24 19.00 16.82
N LYS D 139 21.31 18.72 17.75
CA LYS D 139 21.61 17.80 18.83
C LYS D 139 21.89 16.40 18.30
N ILE D 140 21.08 15.98 17.33
CA ILE D 140 21.24 14.68 16.69
C ILE D 140 22.55 14.60 15.93
N TYR D 141 22.91 15.71 15.29
CA TYR D 141 24.14 15.84 14.52
C TYR D 141 25.34 15.67 15.44
N GLU D 142 25.31 16.36 16.57
CA GLU D 142 26.39 16.28 17.57
C GLU D 142 26.44 14.89 18.22
N ALA D 143 25.29 14.24 18.39
CA ALA D 143 25.18 12.89 18.93
C ALA D 143 25.81 11.84 18.00
N ASN D 144 25.72 12.07 16.68
CA ASN D 144 26.22 11.21 15.61
C ASN D 144 27.67 11.56 15.18
N ALA D 145 28.47 12.15 16.10
CA ALA D 145 29.86 12.57 15.88
C ALA D 145 30.04 13.58 14.72
N LYS D 146 29.11 14.55 14.64
CA LYS D 146 29.07 15.66 13.69
C LYS D 146 29.11 15.19 12.22
N ARG D 147 28.26 14.20 11.88
CA ARG D 147 28.07 13.66 10.52
C ARG D 147 26.64 13.19 10.34
N PHE D 148 26.15 13.24 9.10
CA PHE D 148 24.92 12.65 8.66
C PHE D 148 25.35 11.87 7.43
N SER D 149 24.71 10.75 7.12
CA SER D 149 25.03 9.96 5.94
C SER D 149 24.55 10.70 4.67
N ARG D 150 25.03 10.27 3.49
CA ARG D 150 24.61 10.82 2.21
C ARG D 150 23.08 10.71 2.09
N LYS D 151 22.53 9.55 2.48
CA LYS D 151 21.10 9.25 2.48
C LYS D 151 20.31 10.29 3.29
N THR D 152 20.74 10.58 4.54
CA THR D 152 20.12 11.54 5.44
C THR D 152 20.11 12.95 4.84
N VAL D 153 21.28 13.44 4.40
CA VAL D 153 21.50 14.76 3.82
C VAL D 153 20.61 14.99 2.59
N LEU D 154 20.54 14.01 1.69
CA LEU D 154 19.70 14.08 0.50
C LEU D 154 18.20 14.08 0.85
N GLN D 155 17.80 13.28 1.85
CA GLN D 155 16.42 13.22 2.33
C GLN D 155 16.02 14.51 3.02
N LEU D 156 16.92 15.07 3.84
CA LEU D 156 16.71 16.35 4.52
C LEU D 156 16.54 17.50 3.52
N SER D 157 17.42 17.56 2.54
CA SER D 157 17.49 18.56 1.48
C SER D 157 16.28 18.59 0.61
N LEU D 158 15.75 17.41 0.24
CA LEU D 158 14.52 17.29 -0.55
C LEU D 158 13.37 17.92 0.20
N ARG D 159 13.29 17.70 1.53
CA ARG D 159 12.21 18.24 2.36
C ARG D 159 12.39 19.73 2.58
N ILE D 160 13.63 20.21 2.72
CA ILE D 160 13.95 21.63 2.82
C ILE D 160 13.61 22.33 1.51
N LEU D 161 13.86 21.71 0.34
CA LEU D 161 13.51 22.30 -0.97
C LEU D 161 12.01 22.52 -1.11
N ASP D 162 11.22 21.67 -0.47
CA ASP D 162 9.76 21.76 -0.44
C ASP D 162 9.37 22.99 0.37
N ILE D 163 9.96 23.11 1.56
CA ILE D 163 9.75 24.23 2.49
C ILE D 163 10.11 25.57 1.80
N LEU D 164 11.34 25.64 1.27
CA LEU D 164 11.81 26.83 0.58
C LEU D 164 10.93 27.19 -0.62
N GLU D 165 10.49 26.20 -1.44
CA GLU D 165 9.58 26.50 -2.57
C GLU D 165 8.28 27.14 -2.11
N TYR D 166 7.71 26.65 -1.01
CA TYR D 166 6.48 27.15 -0.45
C TYR D 166 6.63 28.62 0.03
N ILE D 167 7.63 28.89 0.85
CA ILE D 167 7.86 30.22 1.42
C ILE D 167 8.25 31.19 0.32
N HIS D 168 9.08 30.77 -0.66
CA HIS D 168 9.47 31.61 -1.80
C HIS D 168 8.23 32.01 -2.62
N GLU D 169 7.27 31.08 -2.80
CA GLU D 169 6.02 31.32 -3.51
C GLU D 169 5.05 32.23 -2.76
N HIS D 170 5.21 32.33 -1.43
CA HIS D 170 4.45 33.22 -0.54
C HIS D 170 5.26 34.46 -0.17
N GLU D 171 6.20 34.83 -1.07
CA GLU D 171 6.98 36.09 -1.08
C GLU D 171 8.02 36.25 -0.01
N TYR D 172 8.44 35.15 0.62
CA TYR D 172 9.42 35.18 1.70
C TYR D 172 10.65 34.33 1.42
N VAL D 173 11.78 34.73 2.04
CA VAL D 173 13.03 33.96 2.12
C VAL D 173 13.34 33.79 3.62
N HIS D 174 13.95 32.68 4.01
CA HIS D 174 14.26 32.44 5.41
C HIS D 174 15.60 33.10 5.84
N GLY D 175 16.66 32.85 5.08
CA GLY D 175 17.95 33.44 5.32
C GLY D 175 18.78 32.89 6.46
N ASP D 176 18.26 31.91 7.17
CA ASP D 176 18.98 31.33 8.30
C ASP D 176 18.89 29.81 8.43
N ILE D 177 18.92 29.09 7.32
CA ILE D 177 18.83 27.65 7.39
C ILE D 177 20.06 27.05 8.06
N LYS D 178 19.82 26.13 8.97
CA LYS D 178 20.87 25.42 9.74
C LYS D 178 20.18 24.38 10.61
N ALA D 179 20.95 23.42 11.09
CA ALA D 179 20.44 22.33 11.92
C ALA D 179 19.72 22.74 13.19
N SER D 180 20.20 23.79 13.86
CA SER D 180 19.56 24.27 15.09
C SER D 180 18.14 24.88 14.87
N ASN D 181 17.81 25.23 13.61
CA ASN D 181 16.52 25.73 13.16
C ASN D 181 15.66 24.64 12.47
N LEU D 182 16.11 23.40 12.54
CA LEU D 182 15.37 22.29 11.97
C LEU D 182 14.97 21.34 13.08
N LEU D 183 13.68 21.22 13.33
CA LEU D 183 13.18 20.36 14.39
C LEU D 183 12.36 19.21 13.85
N LEU D 184 12.36 18.10 14.56
CA LEU D 184 11.59 16.96 14.12
C LEU D 184 10.24 16.99 14.78
N ASN D 185 9.25 16.44 14.07
CA ASN D 185 7.88 16.32 14.56
C ASN D 185 7.84 15.47 15.86
N TYR D 186 7.03 15.88 16.85
CA TYR D 186 6.94 15.19 18.14
C TYR D 186 6.43 13.72 18.03
N LYS D 187 5.73 13.37 16.92
CA LYS D 187 5.23 12.02 16.69
C LYS D 187 5.96 11.29 15.54
N ASN D 188 6.25 11.98 14.41
CA ASN D 188 6.94 11.39 13.26
C ASN D 188 8.41 11.81 13.19
N PRO D 189 9.37 10.89 13.40
CA PRO D 189 10.79 11.28 13.33
C PRO D 189 11.36 11.48 11.92
N ASP D 190 10.51 11.31 10.87
CA ASP D 190 10.87 11.49 9.46
C ASP D 190 10.39 12.84 8.92
N GLN D 191 9.71 13.62 9.76
CA GLN D 191 9.17 14.91 9.37
C GLN D 191 9.93 16.02 10.00
N VAL D 192 10.69 16.74 9.20
CA VAL D 192 11.54 17.84 9.64
C VAL D 192 10.88 19.18 9.29
N TYR D 193 10.89 20.10 10.26
CA TYR D 193 10.29 21.44 10.11
C TYR D 193 11.37 22.51 10.23
N LEU D 194 11.27 23.58 9.44
CA LEU D 194 12.16 24.74 9.48
C LEU D 194 11.47 25.82 10.35
N VAL D 195 12.14 26.24 11.44
CA VAL D 195 11.64 27.24 12.38
C VAL D 195 12.49 28.51 12.32
N ASP D 196 12.08 29.52 13.11
CA ASP D 196 12.74 30.81 13.31
C ASP D 196 12.65 31.72 12.10
N TYR D 197 11.59 32.50 12.05
CA TYR D 197 11.38 33.41 10.94
C TYR D 197 11.58 34.86 11.36
N GLY D 198 12.36 35.06 12.41
CA GLY D 198 12.71 36.37 12.95
C GLY D 198 13.54 37.22 12.00
N LEU D 199 14.34 36.57 11.17
CA LEU D 199 15.20 37.11 10.12
C LEU D 199 14.58 36.91 8.71
N ALA D 200 13.32 36.37 8.63
CA ALA D 200 12.70 36.13 7.35
C ALA D 200 12.51 37.47 6.67
N TYR D 201 12.56 37.49 5.36
CA TYR D 201 12.48 38.71 4.62
C TYR D 201 11.48 38.58 3.49
N ARG D 202 10.59 39.57 3.37
CA ARG D 202 9.61 39.61 2.32
C ARG D 202 10.29 40.22 1.09
N TYR D 203 10.93 39.37 0.32
CA TYR D 203 11.65 39.70 -0.91
C TYR D 203 10.79 40.17 -2.07
N CYS D 204 9.56 39.69 -2.13
CA CYS D 204 8.67 39.97 -3.23
C CYS D 204 7.30 40.45 -2.78
N PRO D 205 7.18 41.70 -2.34
CA PRO D 205 5.88 42.19 -1.90
C PRO D 205 5.00 42.43 -3.12
N GLU D 206 3.90 41.71 -3.15
CA GLU D 206 2.91 41.75 -4.24
C GLU D 206 3.48 41.40 -5.61
N GLY D 207 4.44 40.50 -5.65
CA GLY D 207 5.05 40.06 -6.91
C GLY D 207 6.15 40.94 -7.46
N VAL D 208 6.48 42.06 -6.76
CA VAL D 208 7.55 42.95 -7.20
C VAL D 208 8.83 42.67 -6.36
N HIS D 209 9.84 42.13 -7.00
CA HIS D 209 11.08 41.80 -6.34
C HIS D 209 11.85 43.02 -5.87
N LYS D 210 12.51 42.90 -4.74
CA LYS D 210 13.40 43.93 -4.23
C LYS D 210 14.61 44.07 -5.18
N ALA D 211 14.98 45.31 -5.52
CA ALA D 211 16.11 45.61 -6.41
C ALA D 211 17.39 45.32 -5.65
N TYR D 212 18.42 44.80 -6.33
CA TYR D 212 19.74 44.54 -5.77
C TYR D 212 20.33 45.88 -5.31
N ALA D 213 20.73 45.98 -4.03
CA ALA D 213 21.35 47.18 -3.44
C ALA D 213 22.19 46.77 -2.23
N ALA D 214 23.48 47.13 -2.20
CA ALA D 214 24.32 46.84 -1.04
C ALA D 214 24.11 47.94 0.04
N ASP D 215 23.74 47.53 1.24
CA ASP D 215 23.49 48.45 2.36
C ASP D 215 24.43 48.08 3.49
N PRO D 216 25.26 49.00 3.97
CA PRO D 216 26.23 48.65 5.02
C PRO D 216 25.61 48.10 6.31
N LYS D 217 24.36 48.50 6.64
CA LYS D 217 23.58 48.05 7.80
C LYS D 217 23.20 46.57 7.74
N ARG D 218 23.21 45.97 6.54
CA ARG D 218 22.86 44.57 6.38
C ARG D 218 24.07 43.61 6.36
N CYS D 219 25.30 44.11 6.12
CA CYS D 219 26.49 43.25 5.96
C CYS D 219 26.62 42.19 6.99
N HIS D 220 26.87 40.95 6.51
CA HIS D 220 27.11 39.77 7.33
C HIS D 220 25.93 39.36 8.19
N ASP D 221 24.72 39.52 7.66
CA ASP D 221 23.52 39.08 8.34
C ASP D 221 23.41 37.55 8.24
N GLY D 222 22.72 36.93 9.17
CA GLY D 222 22.58 35.47 9.22
C GLY D 222 23.66 34.89 10.11
N THR D 223 23.81 33.56 10.09
CA THR D 223 24.85 32.82 10.82
C THR D 223 26.05 32.82 9.88
N ILE D 224 27.16 33.44 10.32
CA ILE D 224 28.37 33.72 9.54
C ILE D 224 28.91 32.52 8.72
N GLU D 225 28.95 31.30 9.30
CA GLU D 225 29.48 30.13 8.61
C GLU D 225 28.60 29.64 7.46
N PHE D 226 27.30 29.92 7.50
CA PHE D 226 26.35 29.45 6.47
C PHE D 226 25.74 30.51 5.58
N THR D 227 25.84 31.78 5.98
CA THR D 227 25.16 32.86 5.26
C THR D 227 25.67 32.96 3.82
N SER D 228 24.87 33.63 2.97
CA SER D 228 25.13 33.80 1.56
C SER D 228 26.11 34.92 1.29
N ILE D 229 26.76 34.88 0.11
CA ILE D 229 27.65 35.92 -0.39
C ILE D 229 26.88 37.25 -0.42
N ASP D 230 25.64 37.23 -0.90
CA ASP D 230 24.73 38.38 -0.91
C ASP D 230 24.62 39.02 0.48
N ALA D 231 24.32 38.24 1.54
CA ALA D 231 24.22 38.70 2.94
C ALA D 231 25.52 39.30 3.40
N HIS D 232 26.67 38.66 3.08
CA HIS D 232 27.99 39.24 3.39
C HIS D 232 28.20 40.60 2.73
N ASN D 233 27.60 40.82 1.53
CA ASN D 233 27.76 42.06 0.75
C ASN D 233 26.82 43.19 1.20
N GLY D 234 25.89 42.89 2.11
CA GLY D 234 24.92 43.84 2.65
C GLY D 234 23.68 43.92 1.80
N VAL D 235 23.42 42.89 1.03
CA VAL D 235 22.30 42.83 0.11
C VAL D 235 21.19 42.03 0.80
N ALA D 236 19.96 42.53 0.72
CA ALA D 236 18.73 41.91 1.25
C ALA D 236 18.64 40.49 0.71
N PRO D 237 18.27 39.51 1.54
CA PRO D 237 18.28 38.13 1.05
C PRO D 237 17.25 37.84 -0.06
N SER D 238 17.63 36.97 -1.00
CA SER D 238 16.74 36.54 -2.04
C SER D 238 16.76 34.99 -2.09
N ARG D 239 16.09 34.41 -3.10
CA ARG D 239 15.94 32.98 -3.26
C ARG D 239 17.24 32.21 -3.44
N ARG D 240 18.19 32.75 -4.24
CA ARG D 240 19.48 32.08 -4.49
C ARG D 240 20.27 31.95 -3.21
N GLY D 241 20.18 32.98 -2.35
CA GLY D 241 20.81 33.01 -1.03
C GLY D 241 20.38 31.84 -0.16
N ASP D 242 19.07 31.53 -0.10
CA ASP D 242 18.50 30.41 0.66
C ASP D 242 19.03 29.06 0.16
N LEU D 243 19.19 28.92 -1.17
CA LEU D 243 19.66 27.71 -1.81
C LEU D 243 21.15 27.50 -1.60
N GLU D 244 21.90 28.58 -1.58
CA GLU D 244 23.33 28.63 -1.30
C GLU D 244 23.56 28.21 0.16
N ILE D 245 22.79 28.80 1.13
CA ILE D 245 22.87 28.46 2.57
C ILE D 245 22.65 26.93 2.75
N LEU D 246 21.60 26.37 2.09
CA LEU D 246 21.33 24.94 2.11
C LEU D 246 22.55 24.13 1.59
N GLY D 247 23.22 24.61 0.53
CA GLY D 247 24.42 23.98 -0.01
C GLY D 247 25.56 23.88 0.98
N TYR D 248 25.83 24.99 1.76
CA TYR D 248 26.87 25.05 2.80
C TYR D 248 26.50 24.08 3.94
N CYS D 249 25.20 24.00 4.30
CA CYS D 249 24.68 23.08 5.33
C CYS D 249 24.95 21.64 4.90
N MET D 250 24.66 21.30 3.64
CA MET D 250 24.86 19.94 3.10
C MET D 250 26.30 19.44 3.26
N ILE D 251 27.28 20.29 2.93
CA ILE D 251 28.72 20.03 3.07
C ILE D 251 29.12 19.86 4.56
N GLN D 252 28.68 20.78 5.42
CA GLN D 252 28.91 20.73 6.88
C GLN D 252 28.33 19.42 7.47
N TRP D 253 27.12 19.00 7.05
CA TRP D 253 26.51 17.74 7.53
C TRP D 253 27.25 16.51 7.06
N LEU D 254 27.66 16.48 5.79
CA LEU D 254 28.37 15.34 5.18
C LEU D 254 29.79 15.14 5.72
N THR D 255 30.56 16.23 5.89
CA THR D 255 32.00 16.26 6.23
C THR D 255 32.37 16.74 7.65
N GLY D 256 31.43 17.39 8.34
CA GLY D 256 31.64 17.91 9.69
C GLY D 256 32.37 19.23 9.72
N HIS D 257 32.81 19.71 8.56
CA HIS D 257 33.57 20.95 8.49
C HIS D 257 33.19 21.82 7.29
N LEU D 258 33.72 23.02 7.29
CA LEU D 258 33.60 23.99 6.21
C LEU D 258 34.99 24.65 6.05
N PRO D 259 35.33 25.10 4.86
CA PRO D 259 36.66 25.66 4.62
C PRO D 259 37.02 26.89 5.46
N TRP D 260 36.05 27.75 5.70
CA TRP D 260 36.26 28.99 6.45
C TRP D 260 35.98 28.92 7.95
N GLU D 261 35.75 27.73 8.47
CA GLU D 261 35.39 27.57 9.88
C GLU D 261 36.40 28.10 10.89
N ASP D 262 37.69 28.01 10.59
CA ASP D 262 38.72 28.51 11.50
C ASP D 262 38.74 30.03 11.72
N ASN D 263 38.21 30.79 10.76
CA ASN D 263 38.20 32.25 10.84
C ASN D 263 36.85 32.98 11.04
N LEU D 264 35.87 32.33 11.64
CA LEU D 264 34.55 32.95 11.86
C LEU D 264 34.53 34.37 12.45
N LYS D 265 35.52 34.69 13.28
CA LYS D 265 35.70 36.01 13.87
C LYS D 265 36.03 37.13 12.87
N ASP D 266 36.57 36.78 11.70
CA ASP D 266 36.85 37.74 10.64
C ASP D 266 35.81 37.56 9.53
N PRO D 267 34.83 38.46 9.45
CA PRO D 267 33.77 38.36 8.44
C PRO D 267 34.23 38.51 7.00
N LYS D 268 35.19 39.39 6.76
CA LYS D 268 35.71 39.61 5.42
C LYS D 268 36.36 38.36 4.88
N TYR D 269 37.08 37.64 5.73
CA TYR D 269 37.73 36.41 5.32
C TYR D 269 36.71 35.35 4.88
N VAL D 270 35.62 35.23 5.63
CA VAL D 270 34.58 34.27 5.32
C VAL D 270 33.96 34.58 3.97
N ARG D 271 33.63 35.85 3.74
CA ARG D 271 33.07 36.32 2.48
C ARG D 271 33.96 35.94 1.28
N ASP D 272 35.23 36.39 1.32
CA ASP D 272 36.28 36.19 0.30
C ASP D 272 36.54 34.70 0.03
N SER D 273 36.58 33.90 1.08
CA SER D 273 36.72 32.47 0.99
C SER D 273 35.47 31.86 0.25
N LYS D 274 34.25 32.31 0.55
CA LYS D 274 33.04 31.83 -0.14
C LYS D 274 33.01 32.23 -1.63
N ILE D 275 33.38 33.49 -1.94
CA ILE D 275 33.50 34.05 -3.30
C ILE D 275 34.51 33.22 -4.15
N ARG D 276 35.65 32.90 -3.56
CA ARG D 276 36.71 32.10 -4.19
C ARG D 276 36.25 30.68 -4.50
N TYR D 277 35.57 30.04 -3.56
CA TYR D 277 35.01 28.71 -3.76
C TYR D 277 33.79 28.68 -4.68
N ARG D 278 33.07 29.81 -4.84
CA ARG D 278 31.99 29.91 -5.81
C ARG D 278 32.63 30.02 -7.20
N GLU D 279 33.75 30.75 -7.34
CA GLU D 279 34.46 30.92 -8.61
C GLU D 279 34.98 29.61 -9.16
N ASN D 280 35.41 28.71 -8.26
CA ASN D 280 35.91 27.39 -8.60
C ASN D 280 35.31 26.35 -7.66
N ILE D 281 34.23 25.69 -8.11
CA ILE D 281 33.50 24.67 -7.35
C ILE D 281 34.33 23.37 -7.29
N ALA D 282 35.09 23.06 -8.35
CA ALA D 282 35.96 21.89 -8.34
C ALA D 282 36.94 21.95 -7.16
N SER D 283 37.44 23.17 -6.79
CA SER D 283 38.38 23.36 -5.67
C SER D 283 37.69 23.26 -4.31
N LEU D 284 36.37 23.56 -4.25
CA LEU D 284 35.52 23.39 -3.07
C LEU D 284 35.35 21.88 -2.82
N MET D 285 35.07 21.11 -3.88
CA MET D 285 34.95 19.65 -3.83
C MET D 285 36.28 19.02 -3.37
N ASP D 286 37.40 19.45 -3.98
CA ASP D 286 38.75 19.04 -3.64
C ASP D 286 39.14 19.40 -2.17
N LYS D 287 38.67 20.52 -1.66
CA LYS D 287 38.95 20.94 -0.28
C LYS D 287 38.12 20.16 0.76
N CYS D 288 36.82 19.96 0.48
CA CYS D 288 35.87 19.36 1.41
C CYS D 288 35.80 17.86 1.39
N PHE D 289 35.95 17.26 0.23
CA PHE D 289 35.80 15.82 0.10
C PHE D 289 37.07 15.17 -0.42
N PRO D 290 37.33 13.88 -0.08
CA PRO D 290 38.48 13.17 -0.69
C PRO D 290 38.15 12.92 -2.17
N ALA D 291 39.19 12.75 -3.01
CA ALA D 291 39.05 12.49 -4.44
C ALA D 291 38.10 11.30 -4.71
N ALA D 292 38.34 10.21 -3.99
CA ALA D 292 37.60 8.96 -4.14
C ALA D 292 36.11 9.04 -3.86
N ASN D 293 35.71 9.81 -2.85
CA ASN D 293 34.30 9.90 -2.54
C ASN D 293 33.78 11.31 -2.46
N ALA D 294 33.68 11.96 -3.61
CA ALA D 294 33.15 13.31 -3.68
C ALA D 294 31.80 13.16 -4.35
N PRO D 295 30.73 13.47 -3.62
CA PRO D 295 29.37 13.33 -4.20
C PRO D 295 29.05 14.35 -5.29
N GLY D 296 28.88 13.83 -6.50
CA GLY D 296 28.60 14.61 -7.71
C GLY D 296 27.34 15.45 -7.65
N GLU D 297 26.34 15.07 -6.84
CA GLU D 297 25.09 15.84 -6.72
C GLU D 297 25.36 17.14 -5.99
N ILE D 298 26.32 17.14 -5.02
CA ILE D 298 26.73 18.35 -4.29
C ILE D 298 27.34 19.35 -5.28
N ALA D 299 28.27 18.91 -6.13
CA ALA D 299 28.88 19.82 -7.11
C ALA D 299 27.85 20.32 -8.12
N LYS D 300 26.96 19.42 -8.63
CA LYS D 300 25.93 19.77 -9.60
C LYS D 300 24.94 20.80 -8.99
N TYR D 301 24.61 20.67 -7.69
CA TYR D 301 23.76 21.55 -6.90
C TYR D 301 24.42 22.96 -6.78
N MET D 302 25.71 23.00 -6.38
CA MET D 302 26.48 24.24 -6.20
C MET D 302 26.64 24.96 -7.54
N GLU D 303 26.94 24.21 -8.62
CA GLU D 303 27.05 24.76 -9.98
C GLU D 303 25.73 25.39 -10.49
N THR D 304 24.60 24.76 -10.20
CA THR D 304 23.25 25.22 -10.58
C THR D 304 22.86 26.48 -9.83
N VAL D 305 23.11 26.52 -8.51
CA VAL D 305 22.84 27.67 -7.64
C VAL D 305 23.69 28.86 -8.06
N LYS D 306 24.93 28.60 -8.49
CA LYS D 306 25.88 29.60 -9.00
C LYS D 306 25.32 30.35 -10.24
N LEU D 307 24.51 29.68 -11.09
CA LEU D 307 23.94 30.30 -12.27
C LEU D 307 22.79 31.28 -11.96
N LEU D 308 22.20 31.19 -10.75
CA LEU D 308 21.06 32.01 -10.33
C LEU D 308 21.43 33.43 -10.19
N ASP D 309 20.64 34.32 -10.81
CA ASP D 309 20.80 35.76 -10.69
C ASP D 309 20.05 36.17 -9.45
N TYR D 310 20.27 37.40 -8.99
CA TYR D 310 19.67 37.87 -7.76
C TYR D 310 18.13 37.76 -7.70
N THR D 311 17.45 38.06 -8.80
CA THR D 311 15.99 38.03 -8.83
C THR D 311 15.37 36.83 -9.53
N GLU D 312 16.21 35.98 -10.08
CA GLU D 312 15.77 34.81 -10.83
C GLU D 312 15.00 33.75 -10.05
N LYS D 313 13.94 33.19 -10.63
CA LYS D 313 13.20 32.16 -9.94
C LYS D 313 13.95 30.85 -10.11
N PRO D 314 14.30 30.16 -9.02
CA PRO D 314 14.96 28.86 -9.18
C PRO D 314 14.09 27.84 -9.88
N LEU D 315 14.69 26.96 -10.67
CA LEU D 315 13.97 25.83 -11.23
C LEU D 315 14.10 24.72 -10.14
N TYR D 316 13.18 24.71 -9.18
CA TYR D 316 13.18 23.75 -8.06
C TYR D 316 13.14 22.29 -8.46
N GLU D 317 12.46 21.99 -9.56
CA GLU D 317 12.35 20.64 -10.10
C GLU D 317 13.70 20.08 -10.53
N ASN D 318 14.50 20.93 -11.17
CA ASN D 318 15.84 20.59 -11.62
C ASN D 318 16.75 20.35 -10.40
N LEU D 319 16.54 21.08 -9.31
CA LEU D 319 17.31 20.91 -8.06
C LEU D 319 16.95 19.63 -7.38
N ARG D 320 15.65 19.28 -7.41
CA ARG D 320 15.12 18.04 -6.86
C ARG D 320 15.72 16.88 -7.61
N ASP D 321 15.71 16.95 -8.98
CA ASP D 321 16.24 15.96 -9.89
C ASP D 321 17.71 15.67 -9.62
N ILE D 322 18.53 16.70 -9.39
CA ILE D 322 19.96 16.55 -9.04
C ILE D 322 20.08 15.74 -7.74
N LEU D 323 19.28 16.08 -6.72
CA LEU D 323 19.29 15.36 -5.44
C LEU D 323 18.77 13.93 -5.57
N LEU D 324 17.75 13.71 -6.41
CA LEU D 324 17.18 12.39 -6.67
C LEU D 324 18.18 11.50 -7.39
N GLN D 325 19.07 12.08 -8.22
CA GLN D 325 20.11 11.36 -8.93
C GLN D 325 21.22 10.93 -7.96
N GLY D 326 21.36 11.68 -6.86
CA GLY D 326 22.28 11.37 -5.78
C GLY D 326 21.81 10.15 -5.01
N LEU D 327 20.47 10.05 -4.81
CA LEU D 327 19.84 8.90 -4.14
C LEU D 327 19.97 7.65 -5.00
N LYS D 328 19.79 7.79 -6.33
CA LYS D 328 19.91 6.69 -7.30
C LYS D 328 21.36 6.18 -7.33
N ALA D 329 22.34 7.10 -7.21
CA ALA D 329 23.77 6.81 -7.18
C ALA D 329 24.21 5.97 -5.97
N ILE D 330 23.43 5.97 -4.86
CA ILE D 330 23.73 5.21 -3.62
C ILE D 330 22.80 3.98 -3.47
N GLY D 331 22.02 3.68 -4.52
CA GLY D 331 21.12 2.54 -4.55
C GLY D 331 19.90 2.70 -3.69
N SER D 332 19.51 3.96 -3.46
CA SER D 332 18.36 4.31 -2.66
C SER D 332 17.29 5.01 -3.51
N LYS D 333 16.17 5.37 -2.86
CA LYS D 333 15.04 6.04 -3.48
C LYS D 333 14.52 7.07 -2.48
N ASP D 334 13.68 8.01 -2.92
CA ASP D 334 13.07 8.95 -2.00
C ASP D 334 11.86 8.25 -1.36
N ASP D 335 12.13 7.57 -0.24
CA ASP D 335 11.15 6.84 0.57
C ASP D 335 10.70 7.69 1.75
N GLY D 336 11.39 8.80 1.99
CA GLY D 336 11.09 9.73 3.07
C GLY D 336 11.67 9.28 4.39
N LYS D 337 12.68 8.41 4.36
CA LYS D 337 13.31 7.94 5.59
C LYS D 337 14.57 8.78 5.88
N LEU D 338 14.50 9.65 6.88
CA LEU D 338 15.63 10.51 7.26
C LEU D 338 16.82 9.73 7.82
N ASP D 339 16.58 8.52 8.32
CA ASP D 339 17.60 7.65 8.87
C ASP D 339 18.38 8.26 10.02
N LEU D 340 17.69 8.99 10.88
CA LEU D 340 18.33 9.68 12.02
C LEU D 340 18.45 8.80 13.25
C1 8E1 E . 29.29 -32.53 20.69
N1 8E1 E . 26.47 -27.98 11.94
O1 8E1 E . 27.24 -35.48 21.14
S1 8E1 E . 27.41 -34.20 21.76
C2 8E1 E . 28.04 -33.11 20.53
O2 8E1 E . 28.25 -34.09 22.91
C3 8E1 E . 27.28 -32.84 19.40
C4 8E1 E . 27.78 -31.99 18.43
C5 8E1 E . 29.03 -31.41 18.59
C6 8E1 E . 28.96 -30.26 16.42
C7 8E1 E . 29.30 -29.04 15.87
C8 8E1 E . 28.79 -28.29 14.72
C9 8E1 E . 29.54 -27.12 14.63
C10 8E1 E . 29.29 -26.19 13.63
C11 8E1 E . 28.26 -26.42 12.69
C12 8E1 E . 27.52 -27.60 12.79
C13 8E1 E . 27.79 -28.52 13.80
C14 8E1 E . 26.01 -29.14 12.29
C15 8E1 E . 30.37 -28.22 16.45
N3 8E1 E . 25.95 -33.70 22.19
C 8E1 E . 29.79 -31.68 19.72
N 8E1 E . 29.54 -30.54 17.60
O 8E1 E . 31.05 -28.44 17.44
N2 8E1 E . 30.49 -27.11 15.66
S 8E1 E . 26.71 -29.87 13.68
P PO4 F . 45.69 -37.33 -2.80
O1 PO4 F . 44.93 -38.28 -1.76
O2 PO4 F . 44.70 -36.33 -3.55
O3 PO4 F . 46.36 -38.22 -3.87
O4 PO4 F . 46.78 -36.47 -2.00
CL CL G . 8.16 -39.08 32.01
C1 8E1 H . -33.85 1.62 15.23
N1 8E1 H . -29.65 -2.39 21.63
O1 8E1 H . -35.95 3.79 13.18
S1 8E1 H . -35.15 2.61 13.04
C2 8E1 H . -33.94 2.66 14.32
O2 8E1 H . -34.46 2.38 11.80
C3 8E1 H . -33.08 3.75 14.41
C4 8E1 H . -32.14 3.79 15.41
C5 8E1 H . -32.03 2.75 16.33
C6 8E1 H . -30.86 1.90 18.33
C7 8E1 H . -29.63 1.81 18.99
C8 8E1 H . -29.14 0.77 19.89
C9 8E1 H . -27.84 1.12 20.28
C10 8E1 H . -27.12 0.32 21.13
C11 8E1 H . -27.69 -0.89 21.62
C12 8E1 H . -28.97 -1.24 21.23
C13 8E1 H . -29.68 -0.42 20.36
C14 8E1 H . -30.86 -2.38 21.12
C15 8E1 H . -28.53 2.79 18.89
N3 8E1 H . -36.11 1.35 13.30
C 8E1 H . -32.89 1.67 16.24
N 8E1 H . -31.06 2.81 17.36
O 8E1 H . -28.50 3.84 18.23
N2 8E1 H . -27.52 2.34 19.67
S 8E1 H . -31.25 -1.09 20.04
P PO4 I . -24.22 -15.71 34.57
O1 PO4 I . -25.38 -16.62 35.20
O2 PO4 I . -24.58 -15.43 33.03
O3 PO4 I . -22.84 -16.45 34.67
O4 PO4 I . -24.15 -14.31 35.33
P PO4 J . -29.04 -23.12 32.80
O1 PO4 J . -30.06 -23.48 33.98
O2 PO4 J . -29.56 -23.84 31.47
O3 PO4 J . -27.61 -23.61 33.13
O4 PO4 J . -29.03 -21.53 32.58
P PO4 K . -43.43 -10.91 -2.39
O1 PO4 K . -44.94 -10.87 -1.85
O2 PO4 K . -43.21 -12.27 -3.13
O3 PO4 K . -42.41 -10.74 -1.17
O4 PO4 K . -43.23 -9.70 -3.42
P PO4 L . -9.82 -11.28 25.87
O1 PO4 L . -10.89 -11.59 26.88
O2 PO4 L . -10.42 -10.57 24.68
O3 PO4 L . -9.20 -12.57 25.41
O4 PO4 L . -8.77 -10.40 26.48
CL CL M . -28.35 -33.76 15.92
C1 8E1 N . -18.49 17.59 -43.21
N1 8E1 N . -13.05 10.22 -38.64
O1 8E1 N . -16.74 20.23 -44.27
S1 8E1 N . -17.37 20.06 -43.00
C2 8E1 N . -17.44 18.33 -42.67
O2 8E1 N . -18.68 20.59 -42.80
C3 8E1 N . -16.45 17.73 -41.91
C4 8E1 N . -16.50 16.37 -41.68
C5 8E1 N . -17.55 15.61 -42.19
C6 8E1 N . -16.62 13.45 -41.48
C7 8E1 N . -17.01 12.38 -40.69
C8 8E1 N . -16.24 11.42 -39.91
C9 8E1 N . -17.15 10.51 -39.35
C10 8E1 N . -16.72 9.48 -38.54
C11 8E1 N . -15.34 9.33 -38.26
C12 8E1 N . -14.43 10.23 -38.82
C13 8E1 N . -14.89 11.27 -39.63
C14 8E1 N . -12.50 11.19 -39.34
C15 8E1 N . -18.42 12.02 -40.50
N3 8E1 N . -16.41 20.74 -41.91
C 8E1 N . -18.54 16.23 -42.96
N 8E1 N . -17.61 14.22 -41.96
O 8E1 N . -19.42 12.61 -40.91
N2 8E1 N . -18.44 10.88 -39.77
S 8E1 N . -13.57 12.24 -40.18
P PO4 O . -12.50 35.55 -12.91
O1 PO4 O . -13.57 34.46 -12.45
O2 PO4 O . -13.08 37.02 -12.64
O3 PO4 O . -12.21 35.44 -14.41
O4 PO4 O . -11.17 35.36 -12.03
P PO4 P . -8.03 38.01 -36.16
O1 PO4 P . -9.62 37.96 -36.27
O2 PO4 P . -7.50 36.62 -35.71
O3 PO4 P . -7.60 39.15 -35.13
O4 PO4 P . -7.42 38.37 -37.60
CL CL Q . -14.97 -1.39 -20.88
C1 PEG R . 11.15 37.80 -10.63
O1 PEG R . 11.90 38.93 -10.18
C2 PEG R . 11.90 37.14 -11.77
O2 PEG R . 11.25 35.93 -12.11
C3 PEG R . 11.42 35.63 -13.50
C4 PEG R . 12.88 35.26 -13.72
O4 PEG R . 13.18 34.16 -12.88
C1 8E1 S . 14.62 22.27 21.03
N1 8E1 S . 10.51 28.53 16.84
O1 8E1 S . 17.17 21.45 22.28
S1 8E1 S . 16.22 20.39 22.20
C2 8E1 S . 14.67 21.09 21.75
O2 8E1 S . 16.00 19.57 23.35
C3 8E1 S . 13.48 20.48 22.15
C4 8E1 S . 12.27 21.04 21.80
C5 8E1 S . 12.22 22.23 21.07
C6 8E1 S . 10.82 24.08 20.28
C7 8E1 S . 9.72 24.39 19.47
C8 8E1 S . 9.45 25.49 18.54
C9 8E1 S . 8.16 25.30 18.04
C10 8E1 S . 7.62 26.19 17.13
C11 8E1 S . 8.37 27.31 16.69
C12 8E1 S . 9.66 27.49 17.18
C13 8E1 S . 10.19 26.59 18.10
C14 8E1 S . 11.60 28.47 17.56
C15 8E1 S . 8.52 23.52 19.41
N3 8E1 S . 16.71 19.41 21.02
C 8E1 S . 13.41 22.84 20.70
N 8E1 S . 10.98 22.81 20.72
O 8E1 S . 8.35 22.43 19.96
N2 8E1 S . 7.62 24.15 18.62
S 8E1 S . 11.79 27.07 18.53
CL CL T . 36.82 15.63 12.49
CL CL U . 6.46 44.16 5.94
CL CL V . -2.39 31.20 -0.54
CL CL W . 25.92 37.86 -9.48
#